data_4BFQ
#
_entry.id   4BFQ
#
_cell.length_a   80.730
_cell.length_b   78.330
_cell.length_c   106.530
_cell.angle_alpha   90.00
_cell.angle_beta   102.67
_cell.angle_gamma   90.00
#
_symmetry.space_group_name_H-M   'P 1 21 1'
#
loop_
_entity.id
_entity.type
_entity.pdbx_description
1 polymer 'SOLUBLE ACETYLCHOLINE RECEPTOR'
2 non-polymer "4,6-dimethyl-N'-(3-pyridin-2-ylisoquinolin-1-yl)pyrimidine-2-carboximidamide"
3 non-polymer GLYCEROL
4 water water
#
_entity_poly.entity_id   1
_entity_poly.type   'polypeptide(L)'
_entity_poly.pdbx_seq_one_letter_code
;QANLMRLKSDLFNRSPMYPGPTKDDPLTVTLGFTLQDIVKVDSSTNEVDLVYYEQQRWKLNSLMWDPNEYGNITDFRTSA
ADIWTPDITAYSSTRPVQVLSPQIAVVTHDGSVMFIPAQRLSFMCDPTGVDSEEGVTCAVKFGSWVYSGFEIDLKTDTDQ
VDLSSYYASSKYEILSATQTRQVQHYSCCPEPYIDVNLVVKFRERRAGNGFFRNLFD
;
_entity_poly.pdbx_strand_id   A,B,C,D,E
#
loop_
_chem_comp.id
_chem_comp.type
_chem_comp.name
_chem_comp.formula
083 non-polymer 4,6-dimethyl-N'-(3-pyridin-2-ylisoquinolin-1-yl)pyrimidine-2-carboximidamide 'C21 H18 N6'
GOL non-polymer GLYCEROL 'C3 H8 O3'
#
# COMPACT_ATOMS: atom_id res chain seq x y z
N GLN A 1 -30.09 9.75 -17.36
CA GLN A 1 -29.54 8.96 -16.22
C GLN A 1 -30.28 9.24 -14.92
N ALA A 2 -31.36 10.02 -14.97
CA ALA A 2 -32.18 10.28 -13.78
C ALA A 2 -32.65 8.97 -13.16
N ASN A 3 -33.14 8.07 -14.01
CA ASN A 3 -33.61 6.76 -13.55
C ASN A 3 -32.50 5.91 -12.93
N LEU A 4 -31.34 5.88 -13.57
CA LEU A 4 -30.25 5.08 -13.04
C LEU A 4 -29.81 5.61 -11.67
N MET A 5 -29.76 6.92 -11.52
CA MET A 5 -29.40 7.52 -10.24
C MET A 5 -30.43 7.14 -9.20
N ARG A 6 -31.70 7.17 -9.59
CA ARG A 6 -32.77 6.84 -8.67
C ARG A 6 -32.70 5.37 -8.26
N LEU A 7 -32.50 4.50 -9.25
CA LEU A 7 -32.40 3.07 -9.00
C LEU A 7 -31.29 2.77 -8.00
N LYS A 8 -30.11 3.35 -8.24
CA LYS A 8 -28.95 3.09 -7.39
C LYS A 8 -29.16 3.68 -5.99
N SER A 9 -29.73 4.88 -5.95
CA SER A 9 -30.10 5.50 -4.69
C SER A 9 -31.05 4.58 -3.92
N ASP A 10 -32.10 4.09 -4.58
CA ASP A 10 -33.07 3.21 -3.94
C ASP A 10 -32.44 1.91 -3.43
N LEU A 11 -31.56 1.31 -4.22
CA LEU A 11 -30.94 0.04 -3.84
C LEU A 11 -29.86 0.15 -2.79
N PHE A 12 -29.10 1.25 -2.78
CA PHE A 12 -27.93 1.37 -1.89
C PHE A 12 -28.06 2.41 -0.77
N ASN A 13 -28.69 3.54 -1.03
CA ASN A 13 -28.81 4.60 -0.01
C ASN A 13 -30.07 4.41 0.84
N ARG A 14 -31.20 4.19 0.18
CA ARG A 14 -32.49 4.06 0.86
C ARG A 14 -32.80 2.61 1.23
N SER A 15 -31.77 1.84 1.53
CA SER A 15 -31.89 0.44 1.91
C SER A 15 -30.79 0.11 2.90
N PRO A 16 -31.06 -0.80 3.84
CA PRO A 16 -30.04 -1.21 4.79
C PRO A 16 -28.96 -2.09 4.14
N MET A 17 -27.75 -2.06 4.69
CA MET A 17 -26.63 -2.85 4.17
C MET A 17 -26.94 -4.35 4.29
N TYR A 18 -26.80 -5.08 3.19
CA TYR A 18 -26.98 -6.53 3.20
C TYR A 18 -25.90 -7.18 4.07
N PRO A 19 -26.30 -7.96 5.09
CA PRO A 19 -25.35 -8.49 6.07
C PRO A 19 -24.70 -9.81 5.68
N GLY A 20 -24.84 -10.21 4.44
CA GLY A 20 -24.25 -11.47 3.98
C GLY A 20 -25.24 -12.60 4.17
N PRO A 21 -24.93 -13.76 3.61
CA PRO A 21 -25.84 -14.88 3.67
C PRO A 21 -25.81 -15.53 5.04
N THR A 22 -26.84 -16.31 5.33
CA THR A 22 -26.94 -17.10 6.55
C THR A 22 -27.48 -18.49 6.21
N LYS A 23 -27.52 -19.36 7.21
CA LYS A 23 -28.11 -20.70 7.05
C LYS A 23 -29.56 -20.62 6.60
N ASP A 24 -30.30 -19.64 7.10
CA ASP A 24 -31.70 -19.43 6.70
C ASP A 24 -31.86 -18.83 5.29
N ASP A 25 -30.90 -18.02 4.87
CA ASP A 25 -30.93 -17.42 3.53
C ASP A 25 -29.60 -17.63 2.81
N PRO A 26 -29.32 -18.88 2.40
CA PRO A 26 -28.05 -19.19 1.76
C PRO A 26 -27.96 -18.61 0.36
N LEU A 27 -26.78 -18.70 -0.24
CA LEU A 27 -26.61 -18.28 -1.62
C LEU A 27 -25.56 -19.10 -2.35
N THR A 28 -25.73 -19.18 -3.67
CA THR A 28 -24.89 -19.98 -4.52
C THR A 28 -24.00 -19.04 -5.30
N VAL A 29 -22.70 -19.25 -5.21
CA VAL A 29 -21.75 -18.51 -6.02
C VAL A 29 -21.26 -19.45 -7.10
N THR A 30 -21.37 -19.03 -8.36
CA THR A 30 -20.86 -19.82 -9.46
C THR A 30 -19.48 -19.28 -9.79
N LEU A 31 -18.50 -20.17 -9.90
CA LEU A 31 -17.13 -19.80 -10.21
C LEU A 31 -16.73 -20.42 -11.54
N GLY A 32 -15.94 -19.66 -12.30
CA GLY A 32 -15.29 -20.18 -13.50
C GLY A 32 -13.95 -19.50 -13.66
N PHE A 33 -12.97 -20.22 -14.18
CA PHE A 33 -11.63 -19.68 -14.32
C PHE A 33 -11.24 -19.60 -15.76
N THR A 34 -10.60 -18.49 -16.12
CA THR A 34 -9.99 -18.33 -17.39
C THR A 34 -8.51 -18.15 -17.14
N LEU A 35 -7.70 -19.06 -17.65
CA LEU A 35 -6.28 -19.03 -17.37
C LEU A 35 -5.53 -18.30 -18.49
N GLN A 36 -4.85 -17.21 -18.16
CA GLN A 36 -4.11 -16.40 -19.11
C GLN A 36 -2.67 -16.85 -19.29
N ASP A 37 -1.98 -17.12 -18.21
CA ASP A 37 -0.55 -17.43 -18.28
C ASP A 37 -0.02 -18.06 -17.00
N ILE A 38 0.76 -19.13 -17.13
CA ILE A 38 1.63 -19.55 -16.06
C ILE A 38 2.89 -18.73 -16.31
N VAL A 39 3.10 -17.73 -15.47
CA VAL A 39 4.16 -16.76 -15.70
C VAL A 39 5.52 -17.31 -15.27
N LYS A 40 5.54 -18.04 -14.16
CA LYS A 40 6.77 -18.32 -13.44
C LYS A 40 6.62 -19.57 -12.57
N VAL A 41 7.71 -20.32 -12.49
CA VAL A 41 7.80 -21.50 -11.64
C VAL A 41 9.10 -21.38 -10.84
N ASP A 42 9.03 -21.58 -9.53
CA ASP A 42 10.22 -21.54 -8.69
C ASP A 42 10.40 -22.93 -8.09
N SER A 43 11.35 -23.69 -8.64
CA SER A 43 11.58 -25.06 -8.19
C SER A 43 12.35 -25.11 -6.88
N SER A 44 12.91 -23.98 -6.45
CA SER A 44 13.63 -23.93 -5.18
C SER A 44 12.72 -23.56 -3.98
N THR A 45 11.52 -23.03 -4.23
CA THR A 45 10.54 -22.77 -3.16
C THR A 45 9.20 -23.48 -3.36
N ASN A 46 9.04 -24.17 -4.49
CA ASN A 46 7.79 -24.84 -4.85
C ASN A 46 6.61 -23.87 -4.88
N GLU A 47 6.81 -22.80 -5.66
CA GLU A 47 5.78 -21.78 -5.89
C GLU A 47 5.60 -21.62 -7.40
N VAL A 48 4.36 -21.57 -7.83
CA VAL A 48 4.03 -21.29 -9.23
C VAL A 48 3.15 -20.03 -9.30
N ASP A 49 3.42 -19.16 -10.28
CA ASP A 49 2.62 -17.90 -10.45
C ASP A 49 1.72 -18.02 -11.66
N LEU A 50 0.47 -17.63 -11.45
CA LEU A 50 -0.60 -17.85 -12.39
C LEU A 50 -1.33 -16.53 -12.57
N VAL A 51 -1.55 -16.13 -13.83
CA VAL A 51 -2.41 -14.98 -14.11
C VAL A 51 -3.68 -15.55 -14.71
N TYR A 52 -4.81 -15.18 -14.14
CA TYR A 52 -6.10 -15.71 -14.54
C TYR A 52 -7.21 -14.74 -14.20
N TYR A 53 -8.39 -14.94 -14.80
CA TYR A 53 -9.59 -14.22 -14.41
C TYR A 53 -10.50 -15.22 -13.77
N GLU A 54 -11.21 -14.76 -12.76
CA GLU A 54 -12.07 -15.58 -11.97
C GLU A 54 -13.45 -14.97 -12.15
N GLN A 55 -14.29 -15.61 -12.94
CA GLN A 55 -15.69 -15.19 -13.05
C GLN A 55 -16.48 -15.62 -11.82
N GLN A 56 -17.12 -14.67 -11.16
CA GLN A 56 -18.00 -14.96 -10.02
C GLN A 56 -19.42 -14.46 -10.31
N ARG A 57 -20.41 -15.29 -10.05
CA ARG A 57 -21.81 -14.93 -10.23
C ARG A 57 -22.64 -15.32 -9.01
N TRP A 58 -23.56 -14.45 -8.59
CA TRP A 58 -24.53 -14.77 -7.54
C TRP A 58 -25.73 -13.90 -7.66
N LYS A 59 -26.76 -14.18 -6.87
CA LYS A 59 -28.03 -13.50 -6.99
C LYS A 59 -28.59 -13.13 -5.61
N LEU A 60 -28.93 -11.85 -5.44
CA LEU A 60 -29.53 -11.37 -4.19
C LEU A 60 -30.91 -10.80 -4.49
N ASN A 61 -31.90 -11.19 -3.70
CA ASN A 61 -33.24 -10.64 -3.87
C ASN A 61 -33.25 -9.14 -3.65
N SER A 62 -32.40 -8.65 -2.75
CA SER A 62 -32.38 -7.21 -2.42
C SER A 62 -31.73 -6.35 -3.52
N LEU A 63 -31.24 -6.97 -4.58
CA LEU A 63 -30.77 -6.24 -5.76
C LEU A 63 -31.72 -6.38 -6.95
N MET A 64 -32.93 -6.90 -6.71
CA MET A 64 -33.94 -6.98 -7.76
C MET A 64 -34.69 -5.64 -7.93
N TRP A 65 -35.09 -5.36 -9.17
CA TRP A 65 -36.02 -4.27 -9.47
C TRP A 65 -36.80 -4.61 -10.70
N ASP A 66 -37.90 -3.91 -10.91
CA ASP A 66 -38.70 -4.03 -12.12
C ASP A 66 -38.26 -2.94 -13.10
N PRO A 67 -37.74 -3.35 -14.28
CA PRO A 67 -37.32 -2.37 -15.30
C PRO A 67 -38.38 -1.34 -15.67
N ASN A 68 -39.64 -1.73 -15.71
CA ASN A 68 -40.74 -0.81 -16.02
C ASN A 68 -40.82 0.37 -15.04
N GLU A 69 -40.37 0.15 -13.81
CA GLU A 69 -40.42 1.19 -12.78
C GLU A 69 -39.18 2.11 -12.83
N TYR A 70 -38.24 1.82 -13.72
CA TYR A 70 -36.97 2.58 -13.79
C TYR A 70 -36.50 2.78 -15.24
N GLY A 71 -37.42 3.22 -16.10
CA GLY A 71 -37.11 3.56 -17.48
C GLY A 71 -36.48 2.44 -18.29
N ASN A 72 -36.96 1.21 -18.07
CA ASN A 72 -36.44 0.02 -18.79
C ASN A 72 -34.95 -0.27 -18.59
N ILE A 73 -34.35 0.18 -17.51
CA ILE A 73 -33.00 -0.20 -17.19
C ILE A 73 -32.96 -1.69 -16.76
N THR A 74 -32.18 -2.50 -17.45
CA THR A 74 -32.10 -3.93 -17.19
C THR A 74 -30.83 -4.34 -16.47
N ASP A 75 -29.83 -3.48 -16.45
CA ASP A 75 -28.58 -3.77 -15.74
C ASP A 75 -27.79 -2.50 -15.52
N PHE A 76 -26.81 -2.55 -14.63
CA PHE A 76 -25.89 -1.42 -14.47
C PHE A 76 -24.57 -1.86 -13.90
N ARG A 77 -23.59 -0.98 -14.03
CA ARG A 77 -22.25 -1.19 -13.52
C ARG A 77 -22.09 -0.44 -12.22
N THR A 78 -21.36 -1.02 -11.28
CA THR A 78 -21.10 -0.33 -10.03
C THR A 78 -19.82 -0.86 -9.41
N SER A 79 -19.18 -0.02 -8.63
CA SER A 79 -18.00 -0.40 -7.87
C SER A 79 -18.29 -1.62 -7.00
N ALA A 80 -17.37 -2.58 -6.99
CA ALA A 80 -17.51 -3.77 -6.15
C ALA A 80 -17.55 -3.43 -4.66
N ALA A 81 -16.96 -2.29 -4.28
CA ALA A 81 -17.06 -1.78 -2.90
C ALA A 81 -18.49 -1.36 -2.48
N ASP A 82 -19.37 -1.02 -3.43
CA ASP A 82 -20.74 -0.61 -3.10
C ASP A 82 -21.66 -1.79 -2.75
N ILE A 83 -21.23 -3.00 -3.05
CA ILE A 83 -22.09 -4.15 -2.85
C ILE A 83 -21.36 -5.21 -2.05
N TRP A 84 -22.11 -6.14 -1.49
CA TRP A 84 -21.54 -7.31 -0.88
C TRP A 84 -20.88 -8.16 -1.93
N THR A 85 -19.72 -8.72 -1.63
CA THR A 85 -19.06 -9.69 -2.51
C THR A 85 -18.62 -10.89 -1.68
N PRO A 86 -18.56 -12.07 -2.30
CA PRO A 86 -18.18 -13.26 -1.55
C PRO A 86 -16.68 -13.27 -1.27
N ASP A 87 -16.30 -13.88 -0.15
CA ASP A 87 -14.88 -13.97 0.30
C ASP A 87 -14.16 -15.22 -0.27
N ILE A 88 -14.22 -15.40 -1.58
CA ILE A 88 -13.59 -16.57 -2.22
C ILE A 88 -12.09 -16.41 -2.17
N THR A 89 -11.40 -17.42 -1.67
CA THR A 89 -9.97 -17.35 -1.44
C THR A 89 -9.27 -18.59 -1.95
N ALA A 90 -8.08 -18.42 -2.51
CA ALA A 90 -7.21 -19.56 -2.80
C ALA A 90 -6.75 -20.11 -1.46
N TYR A 91 -6.84 -21.40 -1.26
CA TYR A 91 -6.48 -21.99 0.02
C TYR A 91 -5.00 -22.30 0.16
N SER A 92 -4.22 -22.15 -0.91
CA SER A 92 -2.80 -22.50 -0.83
C SER A 92 -1.91 -21.45 -1.45
N SER A 93 -2.31 -20.19 -1.33
CA SER A 93 -1.48 -19.09 -1.80
C SER A 93 -0.29 -18.91 -0.88
N THR A 94 0.78 -18.35 -1.42
CA THR A 94 1.95 -18.02 -0.64
C THR A 94 2.26 -16.54 -0.62
N ARG A 95 1.48 -15.73 -1.35
CA ARG A 95 1.59 -14.26 -1.35
C ARG A 95 0.20 -13.70 -1.45
N PRO A 96 0.01 -12.44 -0.99
CA PRO A 96 -1.26 -11.78 -1.29
C PRO A 96 -1.56 -11.73 -2.80
N VAL A 97 -2.81 -11.96 -3.16
CA VAL A 97 -3.23 -11.96 -4.56
C VAL A 97 -3.09 -10.54 -5.09
N GLN A 98 -2.59 -10.41 -6.31
CA GLN A 98 -2.45 -9.08 -6.91
C GLN A 98 -3.60 -8.89 -7.89
N VAL A 99 -4.35 -7.81 -7.74
CA VAL A 99 -5.49 -7.54 -8.61
C VAL A 99 -5.05 -6.76 -9.84
N LEU A 100 -5.42 -7.27 -11.01
CA LEU A 100 -4.99 -6.68 -12.27
C LEU A 100 -6.12 -5.95 -13.01
N SER A 101 -7.31 -5.90 -12.44
CA SER A 101 -8.42 -5.28 -13.14
C SER A 101 -9.19 -4.36 -12.22
N PRO A 102 -9.97 -3.45 -12.81
CA PRO A 102 -10.84 -2.60 -12.03
C PRO A 102 -11.83 -3.43 -11.21
N GLN A 103 -12.15 -2.98 -10.00
CA GLN A 103 -13.06 -3.69 -9.13
C GLN A 103 -14.47 -3.16 -9.39
N ILE A 104 -15.06 -3.56 -10.52
CA ILE A 104 -16.42 -3.12 -10.89
C ILE A 104 -17.26 -4.35 -11.18
N ALA A 105 -18.52 -4.34 -10.73
CA ALA A 105 -19.45 -5.45 -11.02
C ALA A 105 -20.62 -5.02 -11.91
N VAL A 106 -21.27 -6.01 -12.53
CA VAL A 106 -22.49 -5.77 -13.27
C VAL A 106 -23.65 -6.38 -12.52
N VAL A 107 -24.70 -5.58 -12.32
CA VAL A 107 -25.89 -6.03 -11.59
C VAL A 107 -27.05 -6.00 -12.53
N THR A 108 -27.83 -7.08 -12.54
CA THR A 108 -28.94 -7.22 -13.48
C THR A 108 -30.28 -7.21 -12.73
N HIS A 109 -31.36 -6.86 -13.41
CA HIS A 109 -32.65 -6.60 -12.73
C HIS A 109 -33.20 -7.77 -11.95
N ASP A 110 -32.80 -8.98 -12.32
CA ASP A 110 -33.19 -10.18 -11.57
C ASP A 110 -32.36 -10.36 -10.27
N GLY A 111 -31.47 -9.42 -9.98
CA GLY A 111 -30.65 -9.49 -8.79
C GLY A 111 -29.32 -10.23 -8.97
N SER A 112 -28.97 -10.59 -10.20
CA SER A 112 -27.70 -11.28 -10.43
C SER A 112 -26.58 -10.28 -10.47
N VAL A 113 -25.42 -10.71 -10.01
CA VAL A 113 -24.23 -9.90 -10.02
C VAL A 113 -23.14 -10.71 -10.69
N MET A 114 -22.43 -10.08 -11.61
CA MET A 114 -21.25 -10.69 -12.23
C MET A 114 -20.07 -9.83 -11.86
N PHE A 115 -18.98 -10.49 -11.51
CA PHE A 115 -17.77 -9.82 -11.06
C PHE A 115 -16.63 -10.68 -11.53
N ILE A 116 -15.76 -10.12 -12.37
CA ILE A 116 -14.66 -10.88 -13.00
C ILE A 116 -13.31 -10.21 -12.71
N PRO A 117 -12.78 -10.37 -11.50
CA PRO A 117 -11.45 -9.87 -11.19
C PRO A 117 -10.32 -10.63 -11.85
N ALA A 118 -9.38 -9.91 -12.46
CA ALA A 118 -8.15 -10.52 -12.98
C ALA A 118 -7.12 -10.51 -11.86
N GLN A 119 -6.38 -11.59 -11.72
CA GLN A 119 -5.48 -11.74 -10.60
C GLN A 119 -4.20 -12.48 -10.96
N ARG A 120 -3.13 -12.15 -10.23
CA ARG A 120 -1.92 -12.94 -10.21
C ARG A 120 -1.79 -13.58 -8.86
N LEU A 121 -1.64 -14.91 -8.84
CA LEU A 121 -1.60 -15.70 -7.63
C LEU A 121 -0.32 -16.51 -7.60
N SER A 122 0.36 -16.50 -6.46
CA SER A 122 1.42 -17.42 -6.17
C SER A 122 0.84 -18.51 -5.28
N PHE A 123 1.03 -19.78 -5.65
CA PHE A 123 0.52 -20.87 -4.83
C PHE A 123 1.48 -22.04 -4.81
N MET A 124 1.24 -22.96 -3.90
CA MET A 124 2.18 -24.03 -3.64
C MET A 124 2.07 -25.11 -4.71
N CYS A 125 3.17 -25.35 -5.40
CA CYS A 125 3.23 -26.39 -6.42
C CYS A 125 4.67 -26.86 -6.62
N ASP A 126 4.88 -28.17 -6.63
CA ASP A 126 6.17 -28.74 -6.92
C ASP A 126 6.27 -28.96 -8.43
N PRO A 127 7.13 -28.19 -9.12
CA PRO A 127 7.18 -28.27 -10.58
C PRO A 127 8.09 -29.40 -11.13
N THR A 128 8.61 -30.26 -10.26
CA THR A 128 9.41 -31.37 -10.70
C THR A 128 8.73 -32.15 -11.81
N GLY A 129 9.45 -32.34 -12.91
CA GLY A 129 8.91 -33.03 -14.09
C GLY A 129 8.29 -32.10 -15.13
N VAL A 130 8.30 -30.80 -14.87
CA VAL A 130 7.74 -29.83 -15.80
C VAL A 130 8.49 -29.84 -17.14
N ASP A 131 9.79 -30.09 -17.08
CA ASP A 131 10.64 -30.12 -18.26
C ASP A 131 10.52 -31.42 -19.09
N SER A 132 9.76 -32.41 -18.61
CA SER A 132 9.49 -33.64 -19.36
C SER A 132 8.26 -33.51 -20.24
N GLU A 133 8.03 -34.55 -21.05
CA GLU A 133 6.89 -34.60 -21.99
C GLU A 133 5.55 -34.76 -21.29
N GLU A 134 5.52 -35.59 -20.23
CA GLU A 134 4.29 -35.84 -19.48
C GLU A 134 3.91 -34.64 -18.61
N GLY A 135 4.88 -33.77 -18.33
CA GLY A 135 4.59 -32.53 -17.62
C GLY A 135 4.41 -32.72 -16.13
N VAL A 136 3.72 -31.77 -15.50
CA VAL A 136 3.47 -31.83 -14.07
C VAL A 136 2.07 -31.30 -13.78
N THR A 137 1.46 -31.84 -12.73
CA THR A 137 0.13 -31.42 -12.33
C THR A 137 0.25 -30.68 -11.01
N CYS A 138 -0.51 -29.62 -10.85
CA CYS A 138 -0.84 -29.17 -9.50
C CYS A 138 -2.20 -28.55 -9.42
N ALA A 139 -2.60 -28.20 -8.20
CA ALA A 139 -3.98 -27.91 -7.90
C ALA A 139 -4.03 -26.80 -6.86
N VAL A 140 -5.08 -26.01 -6.89
CA VAL A 140 -5.32 -25.04 -5.86
C VAL A 140 -6.82 -25.00 -5.64
N LYS A 141 -7.20 -25.03 -4.38
CA LYS A 141 -8.60 -25.02 -4.01
C LYS A 141 -9.01 -23.60 -3.76
N PHE A 142 -10.20 -23.25 -4.22
CA PHE A 142 -10.82 -21.97 -3.89
C PHE A 142 -12.11 -22.21 -3.13
N GLY A 143 -12.37 -21.37 -2.14
CA GLY A 143 -13.61 -21.44 -1.42
C GLY A 143 -13.73 -20.27 -0.47
N SER A 144 -14.85 -20.19 0.21
CA SER A 144 -15.06 -19.16 1.20
C SER A 144 -14.11 -19.40 2.34
N TRP A 145 -13.68 -18.32 2.97
CA TRP A 145 -12.81 -18.43 4.11
C TRP A 145 -13.60 -18.57 5.38
N VAL A 146 -14.73 -17.90 5.48
CA VAL A 146 -15.50 -17.89 6.73
C VAL A 146 -16.89 -18.51 6.65
N TYR A 147 -17.40 -18.78 5.44
CA TYR A 147 -18.75 -19.34 5.28
C TYR A 147 -18.67 -20.82 4.94
N SER A 148 -19.45 -21.62 5.63
CA SER A 148 -19.57 -23.03 5.32
C SER A 148 -20.54 -23.20 4.16
N GLY A 149 -20.72 -24.45 3.76
CA GLY A 149 -21.72 -24.80 2.74
C GLY A 149 -23.16 -24.54 3.13
N PHE A 150 -23.44 -24.34 4.43
CA PHE A 150 -24.79 -23.95 4.84
C PHE A 150 -25.11 -22.51 4.45
N GLU A 151 -24.09 -21.68 4.25
CA GLU A 151 -24.29 -20.26 3.93
C GLU A 151 -23.94 -19.93 2.47
N ILE A 152 -22.81 -20.42 2.01
CA ILE A 152 -22.41 -20.22 0.63
C ILE A 152 -22.17 -21.57 -0.04
N ASP A 153 -22.99 -21.88 -1.04
CA ASP A 153 -22.78 -23.06 -1.88
C ASP A 153 -21.99 -22.63 -3.12
N LEU A 154 -20.99 -23.40 -3.50
CA LEU A 154 -20.24 -23.10 -4.72
C LEU A 154 -20.65 -24.04 -5.81
N LYS A 155 -20.58 -23.58 -7.05
CA LYS A 155 -20.68 -24.47 -8.19
C LYS A 155 -19.98 -23.87 -9.40
N THR A 156 -19.93 -24.64 -10.48
CA THR A 156 -19.32 -24.22 -11.73
C THR A 156 -20.35 -24.42 -12.83
N ASP A 157 -20.20 -23.73 -13.95
CA ASP A 157 -21.07 -23.98 -15.10
C ASP A 157 -20.52 -25.10 -15.97
N THR A 158 -19.24 -25.39 -15.82
CA THR A 158 -18.56 -26.42 -16.60
C THR A 158 -17.35 -26.85 -15.81
N ASP A 159 -16.88 -28.07 -16.04
CA ASP A 159 -15.64 -28.55 -15.44
C ASP A 159 -14.40 -28.15 -16.24
N GLN A 160 -14.55 -27.63 -17.45
CA GLN A 160 -13.39 -27.26 -18.26
C GLN A 160 -13.02 -25.82 -18.00
N VAL A 161 -11.78 -25.60 -17.60
CA VAL A 161 -11.27 -24.26 -17.46
C VAL A 161 -11.16 -23.64 -18.85
N ASP A 162 -11.53 -22.38 -18.96
CA ASP A 162 -11.46 -21.66 -20.23
C ASP A 162 -9.99 -21.38 -20.54
N LEU A 163 -9.49 -21.99 -21.61
CA LEU A 163 -8.11 -21.79 -22.10
C LEU A 163 -8.05 -20.93 -23.37
N SER A 164 -9.17 -20.36 -23.77
CA SER A 164 -9.25 -19.63 -25.03
C SER A 164 -8.38 -18.35 -25.05
N SER A 165 -8.04 -17.83 -23.88
CA SER A 165 -7.18 -16.64 -23.78
C SER A 165 -5.77 -16.97 -23.30
N TYR A 166 -5.37 -18.22 -23.29
CA TYR A 166 -4.08 -18.56 -22.73
C TYR A 166 -2.99 -18.01 -23.65
N TYR A 167 -2.01 -17.32 -23.08
CA TYR A 167 -0.93 -16.69 -23.83
C TYR A 167 -0.21 -17.70 -24.72
N ALA A 168 -0.31 -17.50 -26.03
CA ALA A 168 0.27 -18.43 -27.02
C ALA A 168 1.77 -18.61 -26.88
N SER A 169 2.51 -17.62 -26.39
CA SER A 169 3.97 -17.74 -26.28
C SER A 169 4.45 -17.85 -24.85
N SER A 170 3.58 -18.34 -23.96
CA SER A 170 3.98 -18.65 -22.59
C SER A 170 5.14 -19.64 -22.57
N LYS A 171 5.99 -19.56 -21.56
CA LYS A 171 7.03 -20.55 -21.37
C LYS A 171 6.44 -21.94 -21.09
N TYR A 172 5.19 -21.98 -20.64
CA TYR A 172 4.53 -23.24 -20.28
C TYR A 172 3.26 -23.43 -21.11
N GLU A 173 3.07 -24.64 -21.64
CA GLU A 173 1.80 -24.97 -22.31
C GLU A 173 0.90 -25.83 -21.43
N ILE A 174 -0.40 -25.55 -21.48
CA ILE A 174 -1.38 -26.25 -20.66
C ILE A 174 -1.79 -27.51 -21.38
N LEU A 175 -1.49 -28.66 -20.77
CA LEU A 175 -1.92 -29.95 -21.28
C LEU A 175 -3.36 -30.22 -20.88
N SER A 176 -3.79 -29.64 -19.77
CA SER A 176 -5.09 -29.95 -19.23
C SER A 176 -5.40 -29.02 -18.07
N ALA A 177 -6.67 -28.63 -17.94
CA ALA A 177 -7.06 -27.73 -16.87
C ALA A 177 -8.54 -27.90 -16.55
N THR A 178 -8.85 -28.28 -15.31
CA THR A 178 -10.23 -28.54 -14.92
C THR A 178 -10.57 -27.77 -13.66
N GLN A 179 -11.87 -27.60 -13.42
CA GLN A 179 -12.38 -26.90 -12.24
C GLN A 179 -13.55 -27.68 -11.70
N THR A 180 -13.43 -28.18 -10.49
CA THR A 180 -14.36 -29.16 -9.98
C THR A 180 -14.80 -28.82 -8.59
N ARG A 181 -16.11 -28.86 -8.39
CA ARG A 181 -16.70 -28.69 -7.08
C ARG A 181 -16.42 -29.92 -6.24
N GLN A 182 -16.05 -29.72 -4.98
CA GLN A 182 -15.85 -30.80 -4.02
C GLN A 182 -16.62 -30.47 -2.75
N VAL A 183 -17.29 -31.47 -2.19
CA VAL A 183 -17.95 -31.30 -0.91
C VAL A 183 -17.30 -32.23 0.11
N GLN A 184 -16.94 -31.69 1.28
CA GLN A 184 -16.41 -32.53 2.34
C GLN A 184 -17.16 -32.32 3.63
N HIS A 185 -17.43 -33.43 4.31
CA HIS A 185 -17.95 -33.42 5.67
C HIS A 185 -16.90 -33.95 6.58
N TYR A 186 -16.92 -33.50 7.83
CA TYR A 186 -16.04 -34.08 8.87
C TYR A 186 -16.89 -34.76 9.93
N SER A 187 -16.32 -35.75 10.60
CA SER A 187 -17.11 -36.60 11.50
C SER A 187 -17.63 -35.81 12.70
N CYS A 188 -16.79 -34.93 13.24
CA CYS A 188 -17.18 -34.07 14.36
C CYS A 188 -18.45 -33.25 14.11
N CYS A 189 -18.60 -32.77 12.89
CA CYS A 189 -19.34 -31.53 12.64
C CYS A 189 -20.39 -31.68 11.54
N PRO A 190 -21.53 -30.99 11.69
CA PRO A 190 -22.63 -31.14 10.72
C PRO A 190 -22.43 -30.39 9.41
N GLU A 191 -21.66 -29.31 9.40
CA GLU A 191 -21.67 -28.41 8.21
C GLU A 191 -20.76 -28.91 7.14
N PRO A 192 -21.20 -28.89 5.86
CA PRO A 192 -20.31 -29.26 4.77
C PRO A 192 -19.41 -28.11 4.37
N TYR A 193 -18.24 -28.46 3.85
CA TYR A 193 -17.32 -27.50 3.36
C TYR A 193 -17.13 -27.77 1.88
N ILE A 194 -17.24 -26.69 1.12
CA ILE A 194 -17.29 -26.76 -0.33
C ILE A 194 -16.14 -25.92 -0.90
N ASP A 195 -15.51 -26.47 -1.92
CA ASP A 195 -14.50 -25.73 -2.63
C ASP A 195 -14.49 -26.12 -4.10
N VAL A 196 -13.82 -25.31 -4.89
CA VAL A 196 -13.62 -25.61 -6.28
C VAL A 196 -12.14 -25.87 -6.48
N ASN A 197 -11.82 -27.02 -7.03
CA ASN A 197 -10.44 -27.41 -7.23
C ASN A 197 -10.05 -27.09 -8.65
N LEU A 198 -9.12 -26.17 -8.82
CA LEU A 198 -8.53 -25.87 -10.11
C LEU A 198 -7.31 -26.73 -10.25
N VAL A 199 -7.34 -27.67 -11.18
CA VAL A 199 -6.25 -28.63 -11.38
C VAL A 199 -5.67 -28.38 -12.76
N VAL A 200 -4.37 -28.14 -12.84
CA VAL A 200 -3.72 -27.78 -14.09
C VAL A 200 -2.49 -28.67 -14.36
N LYS A 201 -2.49 -29.33 -15.51
CA LYS A 201 -1.35 -30.13 -15.93
C LYS A 201 -0.65 -29.35 -17.03
N PHE A 202 0.63 -29.04 -16.83
CA PHE A 202 1.36 -28.21 -17.77
C PHE A 202 2.80 -28.69 -17.95
N ARG A 203 3.48 -28.13 -18.93
CA ARG A 203 4.89 -28.43 -19.17
C ARG A 203 5.58 -27.29 -19.90
N GLU A 204 6.90 -27.34 -19.97
CA GLU A 204 7.66 -26.38 -20.77
C GLU A 204 7.36 -26.54 -22.24
N ARG A 205 7.11 -25.41 -22.92
CA ARG A 205 6.92 -25.40 -24.38
C ARG A 205 8.27 -25.35 -25.06
N GLN B 1 -31.01 -10.56 6.30
CA GLN B 1 -32.46 -10.46 6.65
C GLN B 1 -32.66 -9.47 7.81
N ALA B 2 -33.94 -9.24 8.11
CA ALA B 2 -34.34 -8.14 8.96
C ALA B 2 -33.71 -8.21 10.34
N ASN B 3 -33.80 -9.39 10.96
CA ASN B 3 -33.25 -9.59 12.30
C ASN B 3 -31.73 -9.40 12.35
N LEU B 4 -31.01 -9.96 11.39
CA LEU B 4 -29.57 -9.83 11.40
C LEU B 4 -29.15 -8.37 11.25
N MET B 5 -29.85 -7.63 10.39
CA MET B 5 -29.58 -6.21 10.23
C MET B 5 -29.83 -5.47 11.54
N ARG B 6 -30.92 -5.83 12.22
CA ARG B 6 -31.27 -5.18 13.49
C ARG B 6 -30.26 -5.50 14.56
N LEU B 7 -29.87 -6.78 14.65
CA LEU B 7 -28.86 -7.20 15.62
C LEU B 7 -27.56 -6.43 15.43
N LYS B 8 -27.09 -6.34 14.18
CA LYS B 8 -25.81 -5.69 13.90
C LYS B 8 -25.91 -4.18 14.15
N SER B 9 -27.04 -3.61 13.77
CA SER B 9 -27.32 -2.21 14.03
C SER B 9 -27.24 -1.97 15.54
N ASP B 10 -27.94 -2.80 16.31
CA ASP B 10 -27.95 -2.66 17.77
C ASP B 10 -26.56 -2.80 18.40
N LEU B 11 -25.78 -3.76 17.92
CA LEU B 11 -24.46 -4.02 18.50
C LEU B 11 -23.40 -2.98 18.09
N PHE B 12 -23.48 -2.45 16.87
CA PHE B 12 -22.41 -1.59 16.34
C PHE B 12 -22.78 -0.13 16.13
N ASN B 13 -24.01 0.16 15.71
CA ASN B 13 -24.42 1.54 15.47
C ASN B 13 -24.98 2.17 16.74
N ARG B 14 -25.90 1.46 17.39
CA ARG B 14 -26.57 1.98 18.59
C ARG B 14 -25.83 1.61 19.88
N SER B 15 -24.50 1.53 19.80
CA SER B 15 -23.66 1.21 20.94
C SER B 15 -22.33 1.93 20.80
N PRO B 16 -21.71 2.30 21.93
CA PRO B 16 -20.41 2.98 21.88
C PRO B 16 -19.27 2.03 21.52
N MET B 17 -18.20 2.56 20.93
CA MET B 17 -17.03 1.79 20.52
C MET B 17 -16.33 1.20 21.76
N TYR B 18 -16.11 -0.12 21.75
CA TYR B 18 -15.41 -0.80 22.83
C TYR B 18 -13.97 -0.32 22.87
N PRO B 19 -13.52 0.22 24.03
CA PRO B 19 -12.19 0.83 24.11
C PRO B 19 -11.04 -0.14 24.39
N GLY B 20 -11.28 -1.44 24.29
CA GLY B 20 -10.26 -2.43 24.60
C GLY B 20 -10.30 -2.84 26.06
N PRO B 21 -9.60 -3.92 26.40
CA PRO B 21 -9.60 -4.40 27.77
C PRO B 21 -8.79 -3.52 28.69
N THR B 22 -9.06 -3.64 29.99
CA THR B 22 -8.31 -2.96 31.02
C THR B 22 -8.04 -3.94 32.18
N LYS B 23 -7.27 -3.50 33.16
CA LYS B 23 -6.99 -4.29 34.36
C LYS B 23 -8.31 -4.67 35.06
N ASP B 24 -9.27 -3.76 35.09
CA ASP B 24 -10.57 -4.03 35.71
C ASP B 24 -11.45 -4.97 34.89
N ASP B 25 -11.33 -4.94 33.56
CA ASP B 25 -12.10 -5.83 32.67
C ASP B 25 -11.20 -6.57 31.68
N PRO B 26 -10.42 -7.54 32.18
CA PRO B 26 -9.43 -8.21 31.34
C PRO B 26 -10.09 -9.16 30.37
N LEU B 27 -9.29 -9.72 29.46
CA LEU B 27 -9.81 -10.71 28.56
C LEU B 27 -8.75 -11.73 28.18
N THR B 28 -9.23 -12.93 27.86
CA THR B 28 -8.36 -14.02 27.52
C THR B 28 -8.44 -14.25 26.02
N VAL B 29 -7.30 -14.27 25.36
CA VAL B 29 -7.23 -14.61 23.95
C VAL B 29 -6.62 -15.99 23.82
N THR B 30 -7.31 -16.91 23.15
CA THR B 30 -6.77 -18.24 22.90
C THR B 30 -6.14 -18.24 21.51
N LEU B 31 -4.91 -18.73 21.40
CA LEU B 31 -4.20 -18.80 20.14
C LEU B 31 -3.92 -20.25 19.78
N GLY B 32 -4.01 -20.55 18.49
CA GLY B 32 -3.53 -21.83 17.94
C GLY B 32 -2.95 -21.60 16.56
N PHE B 33 -1.94 -22.35 16.20
CA PHE B 33 -1.32 -22.18 14.89
C PHE B 33 -1.51 -23.40 14.04
N THR B 34 -1.83 -23.17 12.77
CA THR B 34 -1.87 -24.20 11.78
C THR B 34 -0.81 -23.86 10.75
N LEU B 35 0.18 -24.72 10.61
CA LEU B 35 1.30 -24.44 9.75
C LEU B 35 1.06 -25.06 8.36
N GLN B 36 1.04 -24.22 7.33
CA GLN B 36 0.80 -24.65 5.95
C GLN B 36 2.06 -25.00 5.20
N ASP B 37 3.09 -24.17 5.34
CA ASP B 37 4.30 -24.38 4.56
C ASP B 37 5.47 -23.56 5.07
N ILE B 38 6.64 -24.19 5.18
CA ILE B 38 7.88 -23.45 5.27
C ILE B 38 8.27 -23.24 3.82
N VAL B 39 8.11 -22.01 3.34
CA VAL B 39 8.22 -21.71 1.92
C VAL B 39 9.66 -21.57 1.52
N LYS B 40 10.45 -20.94 2.36
CA LYS B 40 11.75 -20.43 1.99
C LYS B 40 12.65 -20.30 3.21
N VAL B 41 13.93 -20.57 2.99
CA VAL B 41 14.96 -20.34 3.98
C VAL B 41 16.08 -19.56 3.31
N ASP B 42 16.55 -18.51 3.97
CA ASP B 42 17.67 -17.73 3.47
C ASP B 42 18.81 -17.90 4.45
N SER B 43 19.78 -18.74 4.07
CA SER B 43 20.90 -19.03 4.95
C SER B 43 21.92 -17.91 4.95
N SER B 44 21.79 -16.96 4.03
CA SER B 44 22.71 -15.83 3.99
C SER B 44 22.22 -14.64 4.84
N THR B 45 20.95 -14.62 5.23
CA THR B 45 20.43 -13.57 6.14
C THR B 45 19.78 -14.12 7.42
N ASN B 46 19.71 -15.46 7.53
CA ASN B 46 19.04 -16.12 8.65
C ASN B 46 17.61 -15.69 8.83
N GLU B 47 16.87 -15.81 7.73
CA GLU B 47 15.45 -15.54 7.70
C GLU B 47 14.75 -16.77 7.16
N VAL B 48 13.65 -17.16 7.80
CA VAL B 48 12.80 -18.22 7.31
C VAL B 48 11.40 -17.66 7.05
N ASP B 49 10.77 -18.09 5.95
CA ASP B 49 9.39 -17.68 5.65
C ASP B 49 8.42 -18.81 5.89
N LEU B 50 7.34 -18.47 6.56
CA LEU B 50 6.37 -19.42 7.04
C LEU B 50 4.99 -18.96 6.60
N VAL B 51 4.20 -19.86 6.02
CA VAL B 51 2.79 -19.57 5.75
C VAL B 51 2.00 -20.40 6.77
N TYR B 52 1.12 -19.74 7.50
CA TYR B 52 0.35 -20.37 8.56
C TYR B 52 -0.96 -19.64 8.79
N TYR B 53 -1.90 -20.30 9.47
CA TYR B 53 -3.08 -19.63 9.97
C TYR B 53 -2.97 -19.57 11.46
N GLU B 54 -3.48 -18.49 11.99
CA GLU B 54 -3.40 -18.20 13.40
C GLU B 54 -4.84 -18.09 13.86
N GLN B 55 -5.32 -19.12 14.55
CA GLN B 55 -6.67 -19.09 15.12
C GLN B 55 -6.69 -18.25 16.41
N GLN B 56 -7.51 -17.20 16.44
CA GLN B 56 -7.64 -16.35 17.62
C GLN B 56 -9.09 -16.38 18.11
N ARG B 57 -9.28 -16.57 19.42
CA ARG B 57 -10.61 -16.58 20.04
C ARG B 57 -10.62 -15.72 21.29
N TRP B 58 -11.70 -14.98 21.49
CA TRP B 58 -11.92 -14.22 22.73
C TRP B 58 -13.38 -13.92 22.91
N LYS B 59 -13.74 -13.34 24.05
CA LYS B 59 -15.14 -13.13 24.40
C LYS B 59 -15.36 -11.75 25.02
N LEU B 60 -16.32 -10.98 24.49
CA LEU B 60 -16.69 -9.68 25.04
C LEU B 60 -18.14 -9.69 25.46
N ASN B 61 -18.43 -9.21 26.66
CA ASN B 61 -19.83 -9.11 27.12
C ASN B 61 -20.67 -8.20 26.24
N SER B 62 -20.04 -7.16 25.69
CA SER B 62 -20.75 -6.19 24.86
C SER B 62 -21.09 -6.72 23.45
N LEU B 63 -20.66 -7.95 23.13
CA LEU B 63 -21.10 -8.62 21.92
C LEU B 63 -22.10 -9.76 22.20
N MET B 64 -22.63 -9.82 23.42
CA MET B 64 -23.67 -10.80 23.74
C MET B 64 -25.06 -10.33 23.29
N TRP B 65 -25.89 -11.28 22.91
CA TRP B 65 -27.32 -11.04 22.69
C TRP B 65 -28.07 -12.30 22.97
N ASP B 66 -29.38 -12.17 23.16
CA ASP B 66 -30.27 -13.31 23.35
C ASP B 66 -30.87 -13.68 21.99
N PRO B 67 -30.57 -14.89 21.49
CA PRO B 67 -31.15 -15.35 20.21
C PRO B 67 -32.67 -15.20 20.09
N ASN B 68 -33.39 -15.44 21.19
CA ASN B 68 -34.87 -15.30 21.19
C ASN B 68 -35.33 -13.88 20.81
N GLU B 69 -34.50 -12.89 21.08
CA GLU B 69 -34.82 -11.49 20.77
C GLU B 69 -34.49 -11.11 19.33
N TYR B 70 -33.86 -12.02 18.59
CA TYR B 70 -33.40 -11.73 17.23
C TYR B 70 -33.59 -12.91 16.27
N GLY B 71 -34.79 -13.48 16.27
CA GLY B 71 -35.15 -14.57 15.36
C GLY B 71 -34.23 -15.77 15.43
N ASN B 72 -33.80 -16.12 16.63
CA ASN B 72 -32.94 -17.28 16.88
C ASN B 72 -31.58 -17.28 16.14
N ILE B 73 -31.07 -16.10 15.83
CA ILE B 73 -29.72 -15.96 15.26
C ILE B 73 -28.69 -16.25 16.34
N THR B 74 -27.84 -17.26 16.10
CA THR B 74 -26.87 -17.69 17.11
C THR B 74 -25.46 -17.19 16.81
N ASP B 75 -25.22 -16.74 15.58
CA ASP B 75 -23.90 -16.24 15.20
C ASP B 75 -23.99 -15.44 13.91
N PHE B 76 -22.96 -14.65 13.63
CA PHE B 76 -22.87 -13.99 12.34
C PHE B 76 -21.44 -13.66 11.97
N ARG B 77 -21.25 -13.36 10.70
CA ARG B 77 -19.97 -12.96 10.15
C ARG B 77 -19.91 -11.46 10.06
N THR B 78 -18.76 -10.88 10.33
CA THR B 78 -18.60 -9.45 10.16
C THR B 78 -17.15 -9.13 9.88
N SER B 79 -16.92 -8.03 9.17
CA SER B 79 -15.58 -7.54 8.90
C SER B 79 -14.81 -7.35 10.18
N ALA B 80 -13.57 -7.79 10.19
CA ALA B 80 -12.71 -7.63 11.36
C ALA B 80 -12.49 -6.16 11.72
N ALA B 81 -12.61 -5.26 10.74
CA ALA B 81 -12.55 -3.81 10.99
C ALA B 81 -13.73 -3.28 11.83
N ASP B 82 -14.87 -3.96 11.83
CA ASP B 82 -16.03 -3.50 12.59
C ASP B 82 -15.93 -3.78 14.09
N ILE B 83 -15.01 -4.64 14.50
CA ILE B 83 -14.90 -5.03 15.88
C ILE B 83 -13.49 -4.80 16.39
N TRP B 84 -13.35 -4.74 17.70
CA TRP B 84 -12.05 -4.74 18.32
C TRP B 84 -11.35 -6.05 18.08
N THR B 85 -10.05 -6.02 17.81
CA THR B 85 -9.26 -7.23 17.67
C THR B 85 -7.97 -7.08 18.47
N PRO B 86 -7.45 -8.18 19.00
CA PRO B 86 -6.22 -8.10 19.79
C PRO B 86 -4.96 -7.87 18.91
N ASP B 87 -3.98 -7.16 19.48
CA ASP B 87 -2.75 -6.77 18.77
C ASP B 87 -1.65 -7.83 18.92
N ILE B 88 -1.97 -9.07 18.58
CA ILE B 88 -1.02 -10.15 18.66
C ILE B 88 0.03 -9.97 17.59
N THR B 89 1.30 -10.02 17.99
CA THR B 89 2.42 -9.73 17.12
C THR B 89 3.54 -10.75 17.27
N ALA B 90 4.15 -11.16 16.15
CA ALA B 90 5.38 -11.93 16.20
C ALA B 90 6.47 -11.00 16.75
N TYR B 91 7.24 -11.45 17.73
CA TYR B 91 8.28 -10.62 18.32
C TYR B 91 9.63 -10.66 17.57
N SER B 92 9.78 -11.51 16.57
CA SER B 92 11.06 -11.62 15.88
C SER B 92 10.88 -11.67 14.36
N SER B 93 9.88 -10.98 13.87
CA SER B 93 9.70 -10.83 12.44
C SER B 93 10.78 -9.89 11.87
N THR B 94 11.09 -10.07 10.60
CA THR B 94 12.01 -9.24 9.91
C THR B 94 11.37 -8.48 8.75
N ARG B 95 10.08 -8.71 8.49
CA ARG B 95 9.30 -7.98 7.47
C ARG B 95 7.88 -7.84 7.97
N PRO B 96 7.13 -6.86 7.46
CA PRO B 96 5.71 -6.83 7.77
C PRO B 96 5.01 -8.12 7.37
N VAL B 97 4.08 -8.57 8.19
CA VAL B 97 3.33 -9.77 7.90
C VAL B 97 2.45 -9.53 6.68
N GLN B 98 2.36 -10.52 5.81
CA GLN B 98 1.49 -10.43 4.65
C GLN B 98 0.23 -11.23 4.92
N VAL B 99 -0.92 -10.59 4.80
CA VAL B 99 -2.20 -11.23 5.05
C VAL B 99 -2.70 -11.92 3.79
N LEU B 100 -3.03 -13.20 3.90
CA LEU B 100 -3.41 -14.00 2.74
C LEU B 100 -4.90 -14.35 2.71
N SER B 101 -5.66 -13.87 3.71
CA SER B 101 -7.06 -14.25 3.78
C SER B 101 -7.93 -13.05 4.07
N PRO B 102 -9.24 -13.16 3.77
CA PRO B 102 -10.14 -12.09 4.08
C PRO B 102 -10.14 -11.79 5.56
N GLN B 103 -10.26 -10.53 5.93
CA GLN B 103 -10.29 -10.12 7.34
C GLN B 103 -11.73 -10.15 7.86
N ILE B 104 -12.29 -11.35 8.07
CA ILE B 104 -13.69 -11.50 8.51
C ILE B 104 -13.72 -12.36 9.75
N ALA B 105 -14.52 -11.99 10.73
CA ALA B 105 -14.62 -12.75 11.97
C ALA B 105 -16.03 -13.32 12.17
N VAL B 106 -16.12 -14.32 13.03
CA VAL B 106 -17.41 -14.90 13.40
C VAL B 106 -17.69 -14.50 14.83
N VAL B 107 -18.88 -13.98 15.08
CA VAL B 107 -19.30 -13.56 16.41
C VAL B 107 -20.50 -14.39 16.83
N THR B 108 -20.46 -14.92 18.05
CA THR B 108 -21.48 -15.84 18.52
C THR B 108 -22.26 -15.19 19.68
N HIS B 109 -23.48 -15.65 19.91
CA HIS B 109 -24.39 -14.96 20.84
C HIS B 109 -23.88 -14.85 22.25
N ASP B 110 -23.00 -15.76 22.65
CA ASP B 110 -22.34 -15.68 23.95
C ASP B 110 -21.23 -14.60 24.01
N GLY B 111 -21.02 -13.88 22.92
CA GLY B 111 -20.01 -12.84 22.87
C GLY B 111 -18.63 -13.33 22.45
N SER B 112 -18.53 -14.59 22.02
CA SER B 112 -17.23 -15.10 21.56
C SER B 112 -16.99 -14.70 20.11
N VAL B 113 -15.72 -14.47 19.80
CA VAL B 113 -15.31 -14.04 18.49
C VAL B 113 -14.21 -14.97 18.02
N MET B 114 -14.34 -15.49 16.80
CA MET B 114 -13.29 -16.30 16.18
C MET B 114 -12.79 -15.54 14.97
N PHE B 115 -11.47 -15.54 14.79
CA PHE B 115 -10.82 -14.81 13.72
C PHE B 115 -9.59 -15.63 13.36
N ILE B 116 -9.51 -16.10 12.11
CA ILE B 116 -8.41 -16.96 11.66
C ILE B 116 -7.71 -16.37 10.43
N PRO B 117 -6.84 -15.37 10.64
CA PRO B 117 -6.10 -14.82 9.53
C PRO B 117 -5.01 -15.75 9.03
N ALA B 118 -4.91 -15.92 7.71
CA ALA B 118 -3.77 -16.60 7.09
C ALA B 118 -2.68 -15.58 6.83
N GLN B 119 -1.45 -15.96 7.10
CA GLN B 119 -0.34 -15.02 7.00
C GLN B 119 0.91 -15.67 6.46
N ARG B 120 1.75 -14.83 5.84
CA ARG B 120 3.14 -15.18 5.56
C ARG B 120 4.03 -14.31 6.39
N LEU B 121 4.91 -14.94 7.17
CA LEU B 121 5.80 -14.26 8.10
C LEU B 121 7.24 -14.58 7.78
N SER B 122 8.09 -13.56 7.73
CA SER B 122 9.53 -13.73 7.74
C SER B 122 10.04 -13.49 9.16
N PHE B 123 10.77 -14.43 9.73
CA PHE B 123 11.30 -14.26 11.08
C PHE B 123 12.73 -14.79 11.16
N MET B 124 13.38 -14.47 12.26
CA MET B 124 14.79 -14.76 12.42
C MET B 124 14.99 -16.23 12.75
N CYS B 125 15.74 -16.93 11.90
CA CYS B 125 16.09 -18.33 12.12
C CYS B 125 17.36 -18.73 11.34
N ASP B 126 18.30 -19.36 12.03
CA ASP B 126 19.51 -19.86 11.40
C ASP B 126 19.21 -21.28 10.92
N PRO B 127 19.15 -21.47 9.59
CA PRO B 127 18.77 -22.78 9.07
C PRO B 127 19.94 -23.77 8.95
N THR B 128 21.10 -23.42 9.46
CA THR B 128 22.26 -24.33 9.42
C THR B 128 21.87 -25.70 10.00
N GLY B 129 22.17 -26.75 9.24
CA GLY B 129 21.83 -28.11 9.64
C GLY B 129 20.52 -28.60 9.09
N VAL B 130 19.81 -27.74 8.36
CA VAL B 130 18.50 -28.12 7.81
C VAL B 130 18.64 -29.29 6.83
N ASP B 131 19.77 -29.33 6.12
CA ASP B 131 20.05 -30.39 5.15
C ASP B 131 20.46 -31.73 5.76
N SER B 132 20.68 -31.77 7.08
CA SER B 132 20.98 -33.01 7.79
C SER B 132 19.72 -33.76 8.23
N GLU B 133 19.91 -34.96 8.77
CA GLU B 133 18.81 -35.81 9.21
C GLU B 133 18.13 -35.29 10.50
N GLU B 134 18.93 -34.75 11.41
CA GLU B 134 18.42 -34.22 12.68
C GLU B 134 17.66 -32.92 12.48
N GLY B 135 17.95 -32.23 11.37
CA GLY B 135 17.23 -31.03 11.03
C GLY B 135 17.67 -29.82 11.83
N VAL B 136 16.80 -28.82 11.90
CA VAL B 136 17.10 -27.59 12.63
C VAL B 136 15.86 -27.11 13.35
N THR B 137 16.06 -26.46 14.48
CA THR B 137 14.96 -25.91 15.26
C THR B 137 15.01 -24.40 15.18
N CYS B 138 13.86 -23.75 15.09
CA CYS B 138 13.76 -22.37 15.51
C CYS B 138 12.40 -21.99 16.05
N ALA B 139 12.33 -20.77 16.57
CA ALA B 139 11.24 -20.38 17.45
C ALA B 139 10.85 -18.93 17.18
N VAL B 140 9.60 -18.59 17.42
CA VAL B 140 9.15 -17.21 17.34
C VAL B 140 8.07 -17.02 18.40
N LYS B 141 8.19 -15.93 19.15
CA LYS B 141 7.24 -15.61 20.21
C LYS B 141 6.16 -14.72 19.65
N PHE B 142 4.92 -14.98 20.07
CA PHE B 142 3.78 -14.11 19.76
C PHE B 142 3.14 -13.61 21.02
N GLY B 143 2.72 -12.36 21.01
CA GLY B 143 2.08 -11.79 22.17
C GLY B 143 1.55 -10.41 21.83
N SER B 144 0.83 -9.81 22.78
CA SER B 144 0.36 -8.46 22.63
C SER B 144 1.58 -7.55 22.61
N TRP B 145 1.47 -6.47 21.87
CA TRP B 145 2.54 -5.49 21.80
C TRP B 145 2.40 -4.49 22.93
N VAL B 146 1.16 -4.12 23.26
CA VAL B 146 0.93 -3.04 24.22
C VAL B 146 0.17 -3.40 25.47
N TYR B 147 -0.42 -4.59 25.52
CA TYR B 147 -1.16 -5.02 26.71
C TYR B 147 -0.38 -6.03 27.51
N SER B 148 -0.35 -5.82 28.82
CA SER B 148 0.26 -6.76 29.71
C SER B 148 -0.69 -7.91 30.01
N GLY B 149 -0.22 -8.87 30.78
CA GLY B 149 -1.06 -9.94 31.28
C GLY B 149 -2.21 -9.50 32.19
N PHE B 150 -2.15 -8.29 32.76
CA PHE B 150 -3.29 -7.76 33.53
C PHE B 150 -4.47 -7.38 32.64
N GLU B 151 -4.23 -7.15 31.34
CA GLU B 151 -5.29 -6.76 30.43
C GLU B 151 -5.64 -7.88 29.46
N ILE B 152 -4.61 -8.49 28.87
CA ILE B 152 -4.82 -9.60 27.93
C ILE B 152 -4.06 -10.82 28.38
N ASP B 153 -4.78 -11.87 28.75
CA ASP B 153 -4.19 -13.15 29.08
C ASP B 153 -4.18 -14.02 27.83
N LEU B 154 -3.06 -14.64 27.49
CA LEU B 154 -3.01 -15.54 26.35
C LEU B 154 -3.04 -16.96 26.84
N LYS B 155 -3.60 -17.84 26.02
CA LYS B 155 -3.47 -19.27 26.28
C LYS B 155 -3.64 -20.04 24.99
N THR B 156 -3.42 -21.35 25.06
CA THR B 156 -3.58 -22.23 23.93
C THR B 156 -4.56 -23.33 24.34
N ASP B 157 -5.18 -23.99 23.37
CA ASP B 157 -6.05 -25.12 23.68
C ASP B 157 -5.24 -26.41 23.72
N THR B 158 -4.06 -26.38 23.11
CA THR B 158 -3.18 -27.53 23.06
C THR B 158 -1.78 -27.00 22.83
N ASP B 159 -0.78 -27.77 23.23
CA ASP B 159 0.60 -27.46 22.92
C ASP B 159 1.05 -27.95 21.55
N GLN B 160 0.26 -28.79 20.87
CA GLN B 160 0.66 -29.29 19.55
C GLN B 160 0.17 -28.36 18.47
N VAL B 161 1.08 -27.88 17.64
CA VAL B 161 0.72 -27.13 16.46
C VAL B 161 -0.01 -28.05 15.48
N ASP B 162 -1.07 -27.55 14.87
CA ASP B 162 -1.84 -28.31 13.89
C ASP B 162 -1.04 -28.42 12.59
N LEU B 163 -0.64 -29.63 12.25
CA LEU B 163 0.10 -29.92 11.01
C LEU B 163 -0.77 -30.61 9.95
N SER B 164 -2.06 -30.72 10.20
CA SER B 164 -2.97 -31.46 9.32
C SER B 164 -3.13 -30.82 7.94
N SER B 165 -2.82 -29.53 7.81
CA SER B 165 -2.84 -28.84 6.53
C SER B 165 -1.45 -28.55 5.95
N TYR B 166 -0.40 -29.16 6.47
CA TYR B 166 0.92 -28.84 5.99
C TYR B 166 1.08 -29.36 4.56
N TYR B 167 1.59 -28.51 3.68
CA TYR B 167 1.78 -28.84 2.25
C TYR B 167 2.62 -30.12 2.08
N ALA B 168 2.00 -31.14 1.51
CA ALA B 168 2.63 -32.46 1.36
C ALA B 168 3.92 -32.43 0.53
N SER B 169 4.03 -31.50 -0.42
CA SER B 169 5.22 -31.45 -1.27
C SER B 169 6.11 -30.22 -0.98
N SER B 170 6.05 -29.72 0.25
CA SER B 170 6.98 -28.69 0.69
C SER B 170 8.42 -29.14 0.55
N LYS B 171 9.32 -28.19 0.31
CA LYS B 171 10.75 -28.52 0.33
C LYS B 171 11.21 -28.97 1.73
N TYR B 172 10.47 -28.60 2.77
CA TYR B 172 10.82 -28.91 4.15
C TYR B 172 9.75 -29.74 4.84
N GLU B 173 10.15 -30.79 5.56
CA GLU B 173 9.19 -31.55 6.38
C GLU B 173 9.31 -31.19 7.88
N ILE B 174 8.16 -31.10 8.54
CA ILE B 174 8.10 -30.74 9.95
C ILE B 174 8.32 -31.98 10.79
N LEU B 175 9.42 -32.00 11.56
CA LEU B 175 9.70 -33.08 12.49
C LEU B 175 8.94 -32.88 13.79
N SER B 176 8.63 -31.63 14.11
CA SER B 176 8.07 -31.31 15.42
C SER B 176 7.67 -29.85 15.46
N ALA B 177 6.54 -29.57 16.10
CA ALA B 177 6.03 -28.20 16.16
C ALA B 177 5.14 -28.01 17.38
N THR B 178 5.54 -27.13 18.29
CA THR B 178 4.80 -26.92 19.51
C THR B 178 4.48 -25.44 19.70
N GLN B 179 3.48 -25.16 20.54
CA GLN B 179 3.05 -23.81 20.86
C GLN B 179 2.81 -23.75 22.37
N THR B 180 3.56 -22.93 23.08
CA THR B 180 3.47 -22.93 24.54
C THR B 180 3.44 -21.54 25.14
N ARG B 181 2.56 -21.39 26.11
CA ARG B 181 2.39 -20.17 26.85
C ARG B 181 3.55 -20.00 27.81
N GLN B 182 4.05 -18.78 27.93
CA GLN B 182 5.11 -18.44 28.88
C GLN B 182 4.74 -17.18 29.62
N VAL B 183 5.02 -17.14 30.91
CA VAL B 183 4.80 -15.93 31.70
C VAL B 183 6.14 -15.39 32.19
N GLN B 184 6.36 -14.09 32.04
CA GLN B 184 7.57 -13.44 32.45
C GLN B 184 7.29 -12.22 33.33
N HIS B 185 8.23 -11.91 34.22
CA HIS B 185 8.15 -10.72 35.08
C HIS B 185 9.37 -9.86 34.92
N TYR B 186 9.21 -8.56 35.14
CA TYR B 186 10.35 -7.64 35.17
C TYR B 186 10.47 -7.04 36.55
N SER B 187 11.69 -6.65 36.93
CA SER B 187 11.94 -6.24 38.32
C SER B 187 11.21 -4.96 38.66
N CYS B 188 11.19 -4.01 37.72
CA CYS B 188 10.51 -2.73 37.91
C CYS B 188 9.04 -2.88 38.30
N CYS B 189 8.38 -3.88 37.72
CA CYS B 189 6.94 -3.82 37.49
C CYS B 189 6.16 -5.07 37.96
N PRO B 190 4.94 -4.87 38.52
CA PRO B 190 4.14 -5.98 39.07
C PRO B 190 3.42 -6.83 38.02
N GLU B 191 3.20 -6.26 36.85
CA GLU B 191 2.36 -6.93 35.86
C GLU B 191 3.16 -7.99 35.08
N PRO B 192 2.54 -9.17 34.87
CA PRO B 192 3.17 -10.23 34.08
C PRO B 192 3.08 -9.98 32.57
N TYR B 193 4.04 -10.51 31.83
CA TYR B 193 4.04 -10.44 30.40
C TYR B 193 3.98 -11.85 29.86
N ILE B 194 3.07 -12.03 28.91
CA ILE B 194 2.71 -13.34 28.45
C ILE B 194 2.96 -13.44 26.97
N ASP B 195 3.50 -14.57 26.54
CA ASP B 195 3.63 -14.84 25.11
C ASP B 195 3.45 -16.31 24.82
N VAL B 196 3.25 -16.63 23.55
CA VAL B 196 3.17 -17.99 23.10
C VAL B 196 4.36 -18.26 22.22
N ASN B 197 5.13 -19.28 22.57
CA ASN B 197 6.32 -19.62 21.84
C ASN B 197 6.02 -20.71 20.83
N LEU B 198 6.10 -20.40 19.54
CA LEU B 198 5.95 -21.38 18.48
C LEU B 198 7.34 -21.89 18.17
N VAL B 199 7.57 -23.19 18.41
CA VAL B 199 8.88 -23.82 18.15
C VAL B 199 8.71 -24.90 17.10
N VAL B 200 9.50 -24.83 16.02
CA VAL B 200 9.39 -25.76 14.91
C VAL B 200 10.74 -26.40 14.57
N LYS B 201 10.78 -27.73 14.58
CA LYS B 201 11.94 -28.47 14.14
C LYS B 201 11.63 -29.03 12.76
N PHE B 202 12.46 -28.71 11.78
CA PHE B 202 12.22 -29.14 10.40
C PHE B 202 13.51 -29.49 9.67
N ARG B 203 13.36 -30.07 8.49
CA ARG B 203 14.51 -30.41 7.65
C ARG B 203 14.11 -30.51 6.20
N GLU B 204 15.09 -30.59 5.30
CA GLU B 204 14.83 -30.83 3.89
C GLU B 204 14.22 -32.19 3.67
N ARG B 205 13.15 -32.25 2.87
CA ARG B 205 12.55 -33.51 2.48
C ARG B 205 13.31 -34.05 1.28
N GLN C 1 -16.26 -0.58 31.52
CA GLN C 1 -15.55 0.30 30.54
C GLN C 1 -16.28 1.61 30.31
N ALA C 2 -17.36 1.86 31.05
CA ALA C 2 -18.08 3.13 30.95
C ALA C 2 -17.13 4.30 31.18
N ASN C 3 -16.33 4.21 32.23
CA ASN C 3 -15.38 5.26 32.57
C ASN C 3 -14.32 5.46 31.50
N LEU C 4 -13.78 4.37 30.99
CA LEU C 4 -12.75 4.49 29.96
C LEU C 4 -13.30 5.17 28.69
N MET C 5 -14.53 4.81 28.33
CA MET C 5 -15.20 5.44 27.17
C MET C 5 -15.38 6.92 27.43
N ARG C 6 -15.78 7.27 28.64
CA ARG C 6 -16.01 8.67 29.01
C ARG C 6 -14.69 9.45 28.98
N LEU C 7 -13.65 8.84 29.57
CA LEU C 7 -12.34 9.47 29.62
C LEU C 7 -11.87 9.78 28.22
N LYS C 8 -11.96 8.80 27.32
CA LYS C 8 -11.43 8.94 25.95
C LYS C 8 -12.26 9.95 25.18
N SER C 9 -13.58 9.88 25.38
CA SER C 9 -14.49 10.87 24.81
C SER C 9 -14.09 12.26 25.26
N ASP C 10 -13.91 12.46 26.56
CA ASP C 10 -13.52 13.76 27.11
C ASP C 10 -12.17 14.26 26.57
N LEU C 11 -11.18 13.37 26.47
CA LEU C 11 -9.86 13.78 26.01
C LEU C 11 -9.76 14.01 24.50
N PHE C 12 -10.51 13.26 23.69
CA PHE C 12 -10.34 13.30 22.22
C PHE C 12 -11.51 13.90 21.45
N ASN C 13 -12.74 13.65 21.89
CA ASN C 13 -13.92 14.18 21.18
C ASN C 13 -14.29 15.56 21.69
N ARG C 14 -14.39 15.70 23.01
CA ARG C 14 -14.81 16.96 23.63
C ARG C 14 -13.62 17.88 23.93
N SER C 15 -12.59 17.82 23.10
CA SER C 15 -11.40 18.66 23.25
C SER C 15 -10.83 18.95 21.87
N PRO C 16 -10.18 20.11 21.71
CA PRO C 16 -9.58 20.45 20.42
C PRO C 16 -8.30 19.65 20.16
N MET C 17 -7.99 19.43 18.88
CA MET C 17 -6.81 18.69 18.47
C MET C 17 -5.54 19.43 18.92
N TYR C 18 -4.64 18.73 19.62
CA TYR C 18 -3.35 19.28 20.01
C TYR C 18 -2.52 19.59 18.75
N PRO C 19 -2.08 20.86 18.58
CA PRO C 19 -1.42 21.27 17.35
C PRO C 19 0.09 21.04 17.33
N GLY C 20 0.61 20.28 18.28
CA GLY C 20 2.04 20.01 18.33
C GLY C 20 2.73 21.04 19.19
N PRO C 21 4.00 20.80 19.51
CA PRO C 21 4.73 21.70 20.36
C PRO C 21 5.15 22.96 19.63
N THR C 22 5.47 23.98 20.39
CA THR C 22 5.97 25.24 19.85
C THR C 22 7.10 25.74 20.74
N LYS C 23 7.73 26.83 20.33
CA LYS C 23 8.78 27.47 21.13
C LYS C 23 8.24 27.87 22.52
N ASP C 24 7.00 28.33 22.57
CA ASP C 24 6.37 28.70 23.84
C ASP C 24 5.99 27.49 24.71
N ASP C 25 5.64 26.36 24.08
CA ASP C 25 5.28 25.15 24.83
C ASP C 25 6.06 23.94 24.30
N PRO C 26 7.38 23.91 24.56
CA PRO C 26 8.21 22.83 24.06
C PRO C 26 7.95 21.48 24.72
N LEU C 27 8.56 20.43 24.18
CA LEU C 27 8.45 19.13 24.83
C LEU C 27 9.70 18.28 24.61
N THR C 28 9.92 17.37 25.54
CA THR C 28 11.09 16.49 25.53
C THR C 28 10.65 15.11 25.15
N VAL C 29 11.28 14.55 24.13
CA VAL C 29 11.05 13.17 23.76
C VAL C 29 12.27 12.36 24.18
N THR C 30 12.07 11.29 24.94
CA THR C 30 13.15 10.39 25.31
C THR C 30 13.15 9.23 24.35
N LEU C 31 14.32 8.91 23.79
CA LEU C 31 14.48 7.82 22.83
C LEU C 31 15.40 6.76 23.40
N GLY C 32 15.08 5.49 23.13
CA GLY C 32 15.99 4.38 23.41
C GLY C 32 15.82 3.32 22.35
N PHE C 33 16.91 2.65 21.98
CA PHE C 33 16.85 1.64 20.94
C PHE C 33 17.14 0.27 21.51
N THR C 34 16.38 -0.71 21.05
CA THR C 34 16.64 -2.11 21.32
C THR C 34 16.92 -2.76 19.97
N LEU C 35 18.14 -3.25 19.79
CA LEU C 35 18.56 -3.79 18.51
C LEU C 35 18.35 -5.31 18.51
N GLN C 36 17.51 -5.77 17.59
CA GLN C 36 17.19 -7.20 17.47
C GLN C 36 18.12 -7.96 16.54
N ASP C 37 18.44 -7.38 15.39
CA ASP C 37 19.22 -8.10 14.39
C ASP C 37 19.75 -7.18 13.30
N ILE C 38 21.03 -7.35 12.96
CA ILE C 38 21.51 -6.86 11.69
C ILE C 38 21.20 -7.99 10.72
N VAL C 39 20.20 -7.77 9.87
CA VAL C 39 19.65 -8.82 9.03
C VAL C 39 20.50 -9.03 7.77
N LYS C 40 20.99 -7.94 7.20
CA LYS C 40 21.57 -7.96 5.87
C LYS C 40 22.57 -6.81 5.69
N VAL C 41 23.63 -7.08 4.93
CA VAL C 41 24.57 -6.06 4.50
C VAL C 41 24.73 -6.21 3.00
N ASP C 42 24.66 -5.09 2.28
CA ASP C 42 24.87 -5.09 0.85
C ASP C 42 26.12 -4.28 0.58
N SER C 43 27.22 -4.98 0.31
CA SER C 43 28.49 -4.31 0.07
C SER C 43 28.58 -3.70 -1.31
N SER C 44 27.63 -4.03 -2.21
CA SER C 44 27.62 -3.45 -3.54
C SER C 44 26.80 -2.16 -3.63
N THR C 45 25.97 -1.87 -2.62
CA THR C 45 25.26 -0.59 -2.57
C THR C 45 25.49 0.21 -1.28
N ASN C 46 26.29 -0.35 -0.36
CA ASN C 46 26.56 0.27 0.94
C ASN C 46 25.29 0.58 1.73
N GLU C 47 24.49 -0.46 1.87
CA GLU C 47 23.23 -0.42 2.63
C GLU C 47 23.28 -1.54 3.66
N VAL C 48 22.91 -1.20 4.89
CA VAL C 48 22.76 -2.21 5.93
C VAL C 48 21.31 -2.22 6.42
N ASP C 49 20.75 -3.41 6.67
CA ASP C 49 19.40 -3.54 7.22
C ASP C 49 19.41 -3.94 8.68
N LEU C 50 18.63 -3.23 9.46
CA LEU C 50 18.61 -3.36 10.89
C LEU C 50 17.16 -3.57 11.33
N VAL C 51 16.91 -4.55 12.18
CA VAL C 51 15.61 -4.68 12.84
C VAL C 51 15.80 -4.28 14.29
N TYR C 52 14.96 -3.36 14.77
CA TYR C 52 15.08 -2.80 16.12
C TYR C 52 13.73 -2.27 16.60
N TYR C 53 13.60 -2.05 17.91
CA TYR C 53 12.44 -1.29 18.44
C TYR C 53 12.97 0.02 19.05
N GLU C 54 12.17 1.06 18.92
CA GLU C 54 12.54 2.42 19.23
C GLU C 54 11.54 2.85 20.28
N GLN C 55 11.96 2.87 21.53
CA GLN C 55 11.12 3.36 22.62
C GLN C 55 11.06 4.89 22.59
N GLN C 56 9.86 5.46 22.50
CA GLN C 56 9.67 6.90 22.55
C GLN C 56 8.77 7.25 23.73
N ARG C 57 9.16 8.26 24.50
CA ARG C 57 8.37 8.74 25.63
C ARG C 57 8.27 10.26 25.62
N TRP C 58 7.09 10.78 25.94
CA TRP C 58 6.89 12.23 26.13
C TRP C 58 5.68 12.49 27.00
N LYS C 59 5.46 13.76 27.36
CA LYS C 59 4.37 14.12 28.26
C LYS C 59 3.63 15.39 27.78
N LEU C 60 2.30 15.31 27.71
CA LEU C 60 1.45 16.45 27.33
C LEU C 60 0.47 16.77 28.44
N ASN C 61 0.35 18.03 28.82
CA ASN C 61 -0.60 18.42 29.85
C ASN C 61 -2.02 18.11 29.44
N SER C 62 -2.31 18.21 28.14
CA SER C 62 -3.67 18.01 27.65
C SER C 62 -4.09 16.52 27.63
N LEU C 63 -3.18 15.62 28.00
CA LEU C 63 -3.53 14.21 28.19
C LEU C 63 -3.55 13.85 29.68
N MET C 64 -3.53 14.84 30.57
CA MET C 64 -3.67 14.57 32.01
C MET C 64 -5.12 14.39 32.43
N TRP C 65 -5.36 13.55 33.42
CA TRP C 65 -6.65 13.44 34.10
C TRP C 65 -6.43 12.99 35.52
N ASP C 66 -7.44 13.19 36.36
CA ASP C 66 -7.42 12.70 37.74
C ASP C 66 -8.12 11.33 37.78
N PRO C 67 -7.39 10.28 38.15
CA PRO C 67 -7.98 8.94 38.26
C PRO C 67 -9.27 8.86 39.09
N ASN C 68 -9.35 9.64 40.17
CA ASN C 68 -10.55 9.66 41.01
C ASN C 68 -11.81 10.09 40.27
N GLU C 69 -11.63 10.87 39.22
CA GLU C 69 -12.75 11.36 38.42
C GLU C 69 -13.19 10.35 37.34
N TYR C 70 -12.45 9.26 37.20
CA TYR C 70 -12.69 8.28 36.13
C TYR C 70 -12.49 6.83 36.59
N GLY C 71 -13.08 6.49 37.74
CA GLY C 71 -13.05 5.13 38.26
C GLY C 71 -11.66 4.56 38.48
N ASN C 72 -10.74 5.40 38.96
CA ASN C 72 -9.36 5.02 39.25
C ASN C 72 -8.56 4.46 38.05
N ILE C 73 -8.94 4.83 36.83
CA ILE C 73 -8.16 4.46 35.65
C ILE C 73 -6.86 5.25 35.64
N THR C 74 -5.73 4.56 35.61
CA THR C 74 -4.42 5.22 35.66
C THR C 74 -3.72 5.27 34.30
N ASP C 75 -4.19 4.49 33.34
CA ASP C 75 -3.59 4.47 32.01
C ASP C 75 -4.53 3.82 31.02
N PHE C 76 -4.27 4.03 29.73
CA PHE C 76 -5.01 3.30 28.71
C PHE C 76 -4.22 3.20 27.42
N ARG C 77 -4.67 2.30 26.57
CA ARG C 77 -4.11 2.08 25.25
C ARG C 77 -4.96 2.79 24.24
N THR C 78 -4.32 3.35 23.22
CA THR C 78 -5.07 3.96 22.15
C THR C 78 -4.26 3.95 20.88
N SER C 79 -4.96 3.94 19.75
CA SER C 79 -4.31 4.00 18.45
C SER C 79 -3.41 5.22 18.36
N ALA C 80 -2.21 5.02 17.82
CA ALA C 80 -1.27 6.10 17.63
C ALA C 80 -1.80 7.22 16.71
N ALA C 81 -2.73 6.86 15.83
CA ALA C 81 -3.42 7.86 15.00
C ALA C 81 -4.33 8.81 15.79
N ASP C 82 -4.82 8.41 16.97
CA ASP C 82 -5.70 9.28 17.76
C ASP C 82 -4.96 10.39 18.52
N ILE C 83 -3.64 10.27 18.61
CA ILE C 83 -2.87 11.21 19.40
C ILE C 83 -1.78 11.78 18.55
N TRP C 84 -1.25 12.91 19.00
CA TRP C 84 -0.07 13.46 18.38
C TRP C 84 1.10 12.57 18.65
N THR C 85 1.96 12.37 17.67
CA THR C 85 3.21 11.65 17.87
C THR C 85 4.35 12.42 17.24
N PRO C 86 5.56 12.27 17.78
CA PRO C 86 6.67 13.05 17.25
C PRO C 86 7.17 12.46 15.92
N ASP C 87 7.67 13.32 15.05
CA ASP C 87 8.14 12.97 13.72
C ASP C 87 9.61 12.55 13.71
N ILE C 88 9.97 11.60 14.58
CA ILE C 88 11.35 11.14 14.66
C ILE C 88 11.69 10.34 13.43
N THR C 89 12.79 10.68 12.77
CA THR C 89 13.16 10.09 11.50
C THR C 89 14.64 9.73 11.46
N ALA C 90 14.97 8.61 10.82
CA ALA C 90 16.35 8.30 10.47
C ALA C 90 16.78 9.31 9.45
N TYR C 91 17.92 9.96 9.63
CA TYR C 91 18.41 10.92 8.65
C TYR C 91 19.21 10.31 7.48
N SER C 92 19.49 9.01 7.49
CA SER C 92 20.25 8.42 6.38
C SER C 92 19.65 7.11 5.87
N SER C 93 18.33 7.02 5.88
CA SER C 93 17.67 5.83 5.35
C SER C 93 17.76 5.83 3.83
N THR C 94 17.68 4.64 3.24
CA THR C 94 17.66 4.50 1.79
C THR C 94 16.39 3.82 1.28
N ARG C 95 15.51 3.41 2.21
CA ARG C 95 14.18 2.87 1.86
C ARG C 95 13.20 3.34 2.92
N PRO C 96 11.91 3.32 2.60
CA PRO C 96 10.94 3.66 3.64
C PRO C 96 11.07 2.66 4.79
N VAL C 97 10.95 3.14 6.01
CA VAL C 97 11.02 2.25 7.17
C VAL C 97 9.83 1.31 7.12
N GLN C 98 10.05 0.05 7.45
CA GLN C 98 8.96 -0.91 7.51
C GLN C 98 8.56 -1.09 8.97
N VAL C 99 7.27 -0.90 9.27
CA VAL C 99 6.76 -1.05 10.64
C VAL C 99 6.40 -2.50 10.90
N LEU C 100 6.93 -3.04 12.00
CA LEU C 100 6.73 -4.44 12.35
C LEU C 100 5.79 -4.63 13.54
N SER C 101 5.22 -3.54 14.07
CA SER C 101 4.37 -3.66 15.24
C SER C 101 3.11 -2.80 15.12
N PRO C 102 2.08 -3.13 15.90
CA PRO C 102 0.87 -2.34 15.90
C PRO C 102 1.18 -0.90 16.31
N GLN C 103 0.48 0.05 15.72
CA GLN C 103 0.69 1.45 16.04
C GLN C 103 -0.27 1.83 17.18
N ILE C 104 0.04 1.38 18.40
CA ILE C 104 -0.77 1.67 19.59
C ILE C 104 0.13 2.27 20.66
N ALA C 105 -0.36 3.27 21.36
CA ALA C 105 0.42 3.91 22.42
C ALA C 105 -0.25 3.74 23.77
N VAL C 106 0.53 3.92 24.83
CA VAL C 106 0.00 3.87 26.16
C VAL C 106 0.07 5.26 26.75
N VAL C 107 -1.07 5.72 27.27
CA VAL C 107 -1.18 7.06 27.83
C VAL C 107 -1.46 6.92 29.32
N THR C 108 -0.73 7.65 30.15
CA THR C 108 -0.85 7.54 31.61
C THR C 108 -1.43 8.84 32.18
N HIS C 109 -2.05 8.76 33.36
CA HIS C 109 -2.82 9.88 33.92
C HIS C 109 -2.04 11.16 34.10
N ASP C 110 -0.73 11.03 34.27
CA ASP C 110 0.15 12.21 34.33
C ASP C 110 0.41 12.86 32.97
N GLY C 111 -0.19 12.32 31.92
CA GLY C 111 -0.01 12.85 30.57
C GLY C 111 1.18 12.26 29.83
N SER C 112 1.83 11.24 30.39
CA SER C 112 2.96 10.62 29.68
C SER C 112 2.45 9.61 28.66
N VAL C 113 3.19 9.50 27.57
CA VAL C 113 2.83 8.60 26.46
C VAL C 113 4.05 7.76 26.18
N MET C 114 3.83 6.45 26.06
CA MET C 114 4.86 5.53 25.61
C MET C 114 4.41 4.94 24.28
N PHE C 115 5.35 4.85 23.35
CA PHE C 115 5.08 4.34 22.03
C PHE C 115 6.36 3.63 21.59
N ILE C 116 6.26 2.33 21.30
CA ILE C 116 7.44 1.51 20.97
C ILE C 116 7.25 0.81 19.63
N PRO C 117 7.42 1.53 18.51
CA PRO C 117 7.33 0.91 17.19
C PRO C 117 8.51 0.03 16.85
N ALA C 118 8.24 -1.18 16.38
CA ALA C 118 9.30 -2.05 15.86
C ALA C 118 9.47 -1.73 14.37
N GLN C 119 10.72 -1.70 13.90
CA GLN C 119 11.00 -1.26 12.55
C GLN C 119 12.16 -2.01 11.91
N ARG C 120 12.10 -2.12 10.59
CA ARG C 120 13.23 -2.55 9.79
C ARG C 120 13.66 -1.34 8.98
N LEU C 121 14.93 -0.99 9.09
CA LEU C 121 15.49 0.19 8.43
C LEU C 121 16.64 -0.19 7.55
N SER C 122 16.66 0.33 6.34
CA SER C 122 17.84 0.29 5.46
C SER C 122 18.51 1.65 5.53
N PHE C 123 19.79 1.68 5.85
CA PHE C 123 20.50 2.96 5.94
C PHE C 123 21.89 2.83 5.35
N MET C 124 22.53 3.97 5.14
CA MET C 124 23.78 4.01 4.43
C MET C 124 24.91 3.57 5.36
N CYS C 125 25.62 2.53 4.95
CA CYS C 125 26.78 2.04 5.69
C CYS C 125 27.71 1.26 4.76
N ASP C 126 29.00 1.58 4.80
CA ASP C 126 30.00 0.84 4.07
C ASP C 126 30.47 -0.33 4.96
N PRO C 127 30.10 -1.58 4.61
CA PRO C 127 30.46 -2.71 5.46
C PRO C 127 31.90 -3.26 5.27
N THR C 128 32.73 -2.59 4.47
CA THR C 128 34.11 -3.04 4.25
C THR C 128 34.81 -3.27 5.58
N GLY C 129 35.40 -4.46 5.72
CA GLY C 129 36.07 -4.85 6.94
C GLY C 129 35.21 -5.66 7.89
N VAL C 130 33.94 -5.87 7.53
CA VAL C 130 33.00 -6.59 8.38
C VAL C 130 33.47 -8.03 8.61
N ASP C 131 34.12 -8.61 7.59
CA ASP C 131 34.65 -9.98 7.66
C ASP C 131 35.97 -10.12 8.46
N SER C 132 36.56 -9.01 8.91
CA SER C 132 37.74 -9.04 9.77
C SER C 132 37.38 -9.11 11.25
N GLU C 133 38.39 -9.26 12.10
CA GLU C 133 38.23 -9.39 13.55
C GLU C 133 37.85 -8.06 14.21
N GLU C 134 38.42 -6.96 13.73
CA GLU C 134 38.11 -5.62 14.26
C GLU C 134 36.72 -5.15 13.87
N GLY C 135 36.17 -5.73 12.80
CA GLY C 135 34.81 -5.43 12.39
C GLY C 135 34.70 -4.08 11.70
N VAL C 136 33.48 -3.52 11.72
CA VAL C 136 33.19 -2.28 11.05
C VAL C 136 32.20 -1.47 11.87
N THR C 137 32.30 -0.15 11.80
CA THR C 137 31.41 0.74 12.50
C THR C 137 30.54 1.49 11.49
N CYS C 138 29.27 1.66 11.81
CA CYS C 138 28.52 2.74 11.17
C CYS C 138 27.45 3.30 12.08
N ALA C 139 26.82 4.36 11.58
CA ALA C 139 26.07 5.26 12.40
C ALA C 139 24.87 5.79 11.64
N VAL C 140 23.80 6.09 12.37
CA VAL C 140 22.63 6.71 11.76
C VAL C 140 22.05 7.65 12.79
N LYS C 141 21.71 8.85 12.34
CA LYS C 141 21.18 9.88 13.21
C LYS C 141 19.67 9.84 13.14
N PHE C 142 19.04 10.00 14.29
CA PHE C 142 17.59 10.13 14.37
C PHE C 142 17.24 11.46 15.00
N GLY C 143 16.18 12.08 14.50
CA GLY C 143 15.74 13.34 15.05
C GLY C 143 14.46 13.75 14.38
N SER C 144 13.91 14.86 14.85
CA SER C 144 12.75 15.42 14.24
C SER C 144 13.10 15.88 12.85
N TRP C 145 12.13 15.81 11.95
CA TRP C 145 12.31 16.30 10.60
C TRP C 145 11.98 17.78 10.49
N VAL C 146 10.96 18.24 11.21
CA VAL C 146 10.48 19.62 11.08
C VAL C 146 10.63 20.49 12.33
N TYR C 147 10.90 19.90 13.49
CA TYR C 147 11.03 20.66 14.73
C TYR C 147 12.48 20.85 15.16
N SER C 148 12.82 22.07 15.52
CA SER C 148 14.13 22.38 16.09
C SER C 148 14.15 22.04 17.56
N GLY C 149 15.30 22.23 18.19
CA GLY C 149 15.45 22.05 19.62
C GLY C 149 14.65 23.01 20.47
N PHE C 150 14.18 24.13 19.89
CA PHE C 150 13.28 25.02 20.59
C PHE C 150 11.88 24.44 20.78
N GLU C 151 11.50 23.47 19.95
CA GLU C 151 10.17 22.87 20.04
C GLU C 151 10.23 21.44 20.58
N ILE C 152 11.17 20.64 20.08
CA ILE C 152 11.33 19.27 20.56
C ILE C 152 12.76 19.05 21.01
N ASP C 153 12.94 18.80 22.29
CA ASP C 153 14.24 18.40 22.84
C ASP C 153 14.31 16.87 22.86
N LEU C 154 15.42 16.29 22.41
CA LEU C 154 15.59 14.84 22.48
C LEU C 154 16.53 14.50 23.59
N LYS C 155 16.34 13.34 24.20
CA LYS C 155 17.33 12.81 25.11
C LYS C 155 17.22 11.30 25.19
N THR C 156 18.15 10.69 25.90
CA THR C 156 18.17 9.25 26.10
C THR C 156 18.20 9.01 27.59
N ASP C 157 17.79 7.82 28.02
CA ASP C 157 17.90 7.45 29.43
C ASP C 157 19.26 6.85 29.71
N THR C 158 19.94 6.38 28.67
CA THR C 158 21.25 5.76 28.76
C THR C 158 21.92 5.89 27.42
N ASP C 159 23.25 5.87 27.40
CA ASP C 159 24.01 5.82 26.16
C ASP C 159 24.18 4.40 25.60
N GLN C 160 23.85 3.38 26.37
CA GLN C 160 24.00 2.02 25.92
C GLN C 160 22.73 1.58 25.19
N VAL C 161 22.87 1.15 23.96
CA VAL C 161 21.76 0.52 23.24
C VAL C 161 21.46 -0.82 23.91
N ASP C 162 20.19 -1.14 24.09
CA ASP C 162 19.77 -2.39 24.70
C ASP C 162 20.02 -3.54 23.71
N LEU C 163 20.95 -4.43 24.07
CA LEU C 163 21.32 -5.58 23.25
C LEU C 163 20.81 -6.90 23.83
N SER C 164 20.00 -6.81 24.87
CA SER C 164 19.55 -7.98 25.60
C SER C 164 18.67 -8.90 24.75
N SER C 165 18.08 -8.37 23.68
CA SER C 165 17.26 -9.15 22.75
C SER C 165 17.93 -9.41 21.40
N TYR C 166 19.23 -9.17 21.28
CA TYR C 166 19.87 -9.33 19.99
C TYR C 166 19.89 -10.81 19.62
N TYR C 167 19.46 -11.12 18.41
CA TYR C 167 19.37 -12.50 17.93
C TYR C 167 20.71 -13.24 18.04
N ALA C 168 20.74 -14.29 18.86
CA ALA C 168 21.99 -15.00 19.16
C ALA C 168 22.63 -15.62 17.93
N SER C 169 21.82 -16.00 16.94
CA SER C 169 22.38 -16.67 15.75
C SER C 169 22.36 -15.78 14.53
N SER C 170 22.39 -14.46 14.75
CA SER C 170 22.54 -13.52 13.66
C SER C 170 23.83 -13.80 12.89
N LYS C 171 23.84 -13.49 11.60
CA LYS C 171 25.09 -13.57 10.83
C LYS C 171 26.16 -12.59 11.34
N TYR C 172 25.72 -11.55 12.04
CA TYR C 172 26.61 -10.52 12.55
C TYR C 172 26.53 -10.41 14.06
N GLU C 173 27.68 -10.33 14.72
CA GLU C 173 27.70 -10.06 16.17
C GLU C 173 28.05 -8.61 16.48
N ILE C 174 27.36 -8.05 17.48
CA ILE C 174 27.53 -6.67 17.86
C ILE C 174 28.69 -6.59 18.81
N LEU C 175 29.74 -5.89 18.40
CA LEU C 175 30.87 -5.61 19.27
C LEU C 175 30.55 -4.44 20.20
N SER C 176 29.66 -3.55 19.76
CA SER C 176 29.42 -2.31 20.47
C SER C 176 28.26 -1.55 19.83
N ALA C 177 27.43 -0.93 20.67
CA ALA C 177 26.25 -0.20 20.19
C ALA C 177 25.87 0.90 21.18
N THR C 178 25.93 2.16 20.74
CA THR C 178 25.68 3.30 21.61
C THR C 178 24.67 4.23 20.98
N GLN C 179 24.04 5.05 21.82
CA GLN C 179 23.02 6.02 21.40
C GLN C 179 23.28 7.33 22.13
N THR C 180 23.61 8.38 21.38
CA THR C 180 24.14 9.60 21.97
C THR C 180 23.46 10.83 21.42
N ARG C 181 23.01 11.69 22.33
CA ARG C 181 22.41 12.96 22.00
C ARG C 181 23.49 13.87 21.49
N GLN C 182 23.20 14.60 20.42
CA GLN C 182 24.11 15.59 19.88
C GLN C 182 23.35 16.88 19.65
N VAL C 183 23.98 18.00 19.97
CA VAL C 183 23.44 19.30 19.66
C VAL C 183 24.32 19.94 18.59
N GLN C 184 23.69 20.55 17.60
CA GLN C 184 24.42 21.38 16.66
C GLN C 184 23.78 22.79 16.56
N HIS C 185 24.63 23.82 16.57
CA HIS C 185 24.18 25.19 16.30
C HIS C 185 24.76 25.59 14.98
N TYR C 186 24.03 26.43 14.24
CA TYR C 186 24.54 27.00 12.98
C TYR C 186 24.68 28.51 13.13
N SER C 187 25.59 29.11 12.37
CA SER C 187 25.94 30.52 12.56
C SER C 187 24.77 31.44 12.20
N CYS C 188 24.05 31.10 11.13
CA CYS C 188 22.88 31.87 10.71
C CYS C 188 21.84 32.05 11.80
N CYS C 189 21.64 31.00 12.61
CA CYS C 189 20.37 30.77 13.26
C CYS C 189 20.51 30.52 14.77
N PRO C 190 19.59 31.06 15.57
CA PRO C 190 19.69 30.91 17.02
C PRO C 190 19.28 29.54 17.56
N GLU C 191 18.44 28.82 16.82
CA GLU C 191 17.87 27.59 17.34
C GLU C 191 18.82 26.39 17.19
N PRO C 192 18.94 25.57 18.24
CA PRO C 192 19.75 24.36 18.16
C PRO C 192 19.03 23.20 17.44
N TYR C 193 19.81 22.33 16.84
CA TYR C 193 19.28 21.14 16.21
C TYR C 193 19.85 19.92 16.93
N ILE C 194 18.95 19.00 17.25
CA ILE C 194 19.27 17.90 18.14
C ILE C 194 18.97 16.59 17.46
N ASP C 195 19.87 15.64 17.65
CA ASP C 195 19.63 14.31 17.14
C ASP C 195 20.25 13.28 18.08
N VAL C 196 19.88 12.03 17.87
CA VAL C 196 20.47 10.93 18.61
C VAL C 196 21.23 10.08 17.60
N ASN C 197 22.51 9.88 17.85
CA ASN C 197 23.35 9.13 16.96
C ASN C 197 23.44 7.67 17.46
N LEU C 198 22.89 6.74 16.68
CA LEU C 198 23.00 5.32 16.96
C LEU C 198 24.24 4.85 16.23
N VAL C 199 25.24 4.40 16.98
CA VAL C 199 26.52 3.94 16.42
C VAL C 199 26.69 2.46 16.75
N VAL C 200 26.92 1.63 15.74
CA VAL C 200 27.02 0.19 15.91
C VAL C 200 28.29 -0.38 15.28
N LYS C 201 29.10 -1.06 16.08
CA LYS C 201 30.31 -1.73 15.60
C LYS C 201 30.01 -3.20 15.59
N PHE C 202 30.13 -3.83 14.43
CA PHE C 202 29.77 -5.23 14.29
C PHE C 202 30.71 -5.97 13.34
N ARG C 203 30.57 -7.30 13.32
CA ARG C 203 31.36 -8.14 12.43
C ARG C 203 30.65 -9.45 12.16
N GLU C 204 31.16 -10.20 11.19
CA GLU C 204 30.64 -11.54 10.90
C GLU C 204 30.94 -12.48 12.05
N ARG C 205 29.94 -13.25 12.46
CA ARG C 205 30.11 -14.27 13.49
C ARG C 205 30.61 -15.54 12.85
N GLN D 1 -1.23 26.74 23.70
CA GLN D 1 -1.62 26.34 22.30
C GLN D 1 -3.06 26.68 21.91
N ALA D 2 -3.79 27.41 22.76
CA ALA D 2 -5.15 27.85 22.45
C ALA D 2 -5.18 28.64 21.15
N ASN D 3 -4.24 29.57 21.01
CA ASN D 3 -4.13 30.39 19.79
C ASN D 3 -3.81 29.56 18.55
N LEU D 4 -2.88 28.62 18.67
CA LEU D 4 -2.49 27.82 17.51
C LEU D 4 -3.68 26.97 17.05
N MET D 5 -4.45 26.45 18.00
CA MET D 5 -5.62 25.63 17.65
C MET D 5 -6.63 26.50 16.94
N ARG D 6 -6.79 27.73 17.42
CA ARG D 6 -7.75 28.65 16.82
C ARG D 6 -7.30 29.05 15.42
N LEU D 7 -6.02 29.36 15.29
CA LEU D 7 -5.46 29.75 14.00
C LEU D 7 -5.70 28.65 12.97
N LYS D 8 -5.39 27.41 13.33
CA LYS D 8 -5.52 26.28 12.40
C LYS D 8 -6.97 25.99 12.08
N SER D 9 -7.82 26.06 13.10
CA SER D 9 -9.24 25.95 12.91
C SER D 9 -9.73 27.01 11.92
N ASP D 10 -9.35 28.27 12.14
CA ASP D 10 -9.75 29.35 11.23
C ASP D 10 -9.26 29.17 9.80
N LEU D 11 -8.02 28.74 9.64
CA LEU D 11 -7.45 28.59 8.31
C LEU D 11 -7.97 27.36 7.55
N PHE D 12 -8.26 26.27 8.26
CA PHE D 12 -8.58 25.00 7.59
C PHE D 12 -10.02 24.52 7.75
N ASN D 13 -10.63 24.74 8.91
CA ASN D 13 -12.00 24.28 9.13
C ASN D 13 -13.00 25.34 8.69
N ARG D 14 -12.79 26.57 9.15
CA ARG D 14 -13.72 27.68 8.89
C ARG D 14 -13.38 28.43 7.60
N SER D 15 -12.85 27.71 6.62
CA SER D 15 -12.47 28.30 5.34
C SER D 15 -12.67 27.27 4.23
N PRO D 16 -13.01 27.75 3.01
CA PRO D 16 -13.21 26.84 1.87
C PRO D 16 -11.89 26.32 1.31
N MET D 17 -11.93 25.15 0.69
CA MET D 17 -10.76 24.51 0.11
C MET D 17 -10.18 25.37 -1.03
N TYR D 18 -8.89 25.68 -0.95
CA TYR D 18 -8.19 26.38 -2.04
C TYR D 18 -8.16 25.49 -3.30
N PRO D 19 -8.67 25.99 -4.45
CA PRO D 19 -8.83 25.17 -5.64
C PRO D 19 -7.60 25.14 -6.55
N GLY D 20 -6.45 25.60 -6.07
CA GLY D 20 -5.24 25.58 -6.86
C GLY D 20 -5.12 26.86 -7.66
N PRO D 21 -3.96 27.08 -8.28
CA PRO D 21 -3.70 28.32 -8.96
C PRO D 21 -4.36 28.35 -10.31
N THR D 22 -4.54 29.56 -10.84
CA THR D 22 -5.11 29.78 -12.16
C THR D 22 -4.30 30.86 -12.89
N LYS D 23 -4.61 31.09 -14.16
CA LYS D 23 -3.96 32.14 -14.95
C LYS D 23 -4.17 33.53 -14.30
N ASP D 24 -5.34 33.76 -13.73
CA ASP D 24 -5.60 35.00 -13.02
C ASP D 24 -4.88 35.13 -11.67
N ASP D 25 -4.65 33.99 -10.98
CA ASP D 25 -3.96 34.00 -9.69
C ASP D 25 -2.83 32.98 -9.67
N PRO D 26 -1.74 33.26 -10.40
CA PRO D 26 -0.66 32.29 -10.54
C PRO D 26 0.15 32.16 -9.27
N LEU D 27 1.01 31.16 -9.25
CA LEU D 27 1.78 30.79 -8.09
C LEU D 27 3.21 30.49 -8.49
N THR D 28 4.19 30.93 -7.70
CA THR D 28 5.57 30.56 -7.94
C THR D 28 5.96 29.48 -6.97
N VAL D 29 6.52 28.37 -7.48
CA VAL D 29 7.03 27.33 -6.65
C VAL D 29 8.54 27.31 -6.82
N THR D 30 9.28 27.45 -5.74
CA THR D 30 10.73 27.37 -5.79
C THR D 30 11.14 25.94 -5.46
N LEU D 31 12.07 25.37 -6.23
CA LEU D 31 12.63 24.05 -5.97
C LEU D 31 14.14 24.11 -5.73
N GLY D 32 14.62 23.30 -4.80
CA GLY D 32 16.06 23.12 -4.59
C GLY D 32 16.32 21.68 -4.18
N PHE D 33 17.45 21.14 -4.59
CA PHE D 33 17.76 19.74 -4.31
C PHE D 33 18.97 19.60 -3.43
N THR D 34 18.87 18.68 -2.48
CA THR D 34 19.99 18.24 -1.66
C THR D 34 20.19 16.77 -1.93
N LEU D 35 21.35 16.40 -2.47
CA LEU D 35 21.64 15.03 -2.89
C LEU D 35 22.32 14.28 -1.74
N GLN D 36 21.71 13.21 -1.26
CA GLN D 36 22.26 12.39 -0.18
C GLN D 36 23.12 11.24 -0.67
N ASP D 37 22.63 10.51 -1.67
CA ASP D 37 23.34 9.31 -2.12
C ASP D 37 22.86 8.78 -3.47
N ILE D 38 23.79 8.46 -4.36
CA ILE D 38 23.47 7.63 -5.50
C ILE D 38 23.66 6.21 -4.98
N VAL D 39 22.55 5.51 -4.77
CA VAL D 39 22.58 4.25 -4.07
C VAL D 39 22.98 3.12 -4.98
N LYS D 40 22.52 3.19 -6.22
CA LYS D 40 22.52 2.03 -7.10
C LYS D 40 22.47 2.47 -8.54
N VAL D 41 23.15 1.70 -9.38
CA VAL D 41 23.13 1.87 -10.80
C VAL D 41 22.86 0.51 -11.43
N ASP D 42 21.92 0.44 -12.36
CA ASP D 42 21.62 -0.80 -13.06
C ASP D 42 21.96 -0.61 -14.51
N SER D 43 23.10 -1.15 -14.93
CA SER D 43 23.57 -0.97 -16.30
C SER D 43 22.85 -1.86 -17.27
N SER D 44 22.07 -2.83 -16.78
CA SER D 44 21.30 -3.71 -17.64
C SER D 44 19.90 -3.17 -17.96
N THR D 45 19.42 -2.20 -17.18
CA THR D 45 18.13 -1.55 -17.48
C THR D 45 18.24 -0.04 -17.69
N ASN D 46 19.43 0.51 -17.52
CA ASN D 46 19.64 1.97 -17.54
C ASN D 46 18.75 2.74 -16.57
N GLU D 47 18.82 2.30 -15.31
CA GLU D 47 18.12 2.96 -14.19
C GLU D 47 19.14 3.31 -13.11
N VAL D 48 19.03 4.51 -12.56
CA VAL D 48 19.86 4.91 -11.43
C VAL D 48 18.96 5.28 -10.27
N ASP D 49 19.35 4.90 -9.06
CA ASP D 49 18.59 5.25 -7.85
C ASP D 49 19.30 6.33 -7.06
N LEU D 50 18.53 7.33 -6.67
CA LEU D 50 19.02 8.53 -6.04
C LEU D 50 18.21 8.76 -4.78
N VAL D 51 18.88 9.04 -3.66
CA VAL D 51 18.21 9.53 -2.47
C VAL D 51 18.56 11.01 -2.33
N TYR D 52 17.55 11.83 -2.15
CA TYR D 52 17.70 13.29 -2.08
C TYR D 52 16.55 13.93 -1.31
N TYR D 53 16.73 15.18 -0.91
CA TYR D 53 15.63 15.98 -0.40
C TYR D 53 15.36 17.06 -1.40
N GLU D 54 14.08 17.38 -1.52
CA GLU D 54 13.59 18.33 -2.49
C GLU D 54 12.91 19.43 -1.68
N GLN D 55 13.55 20.56 -1.54
CA GLN D 55 12.94 21.73 -0.87
C GLN D 55 11.95 22.40 -1.81
N GLN D 56 10.70 22.52 -1.37
CA GLN D 56 9.66 23.20 -2.14
C GLN D 56 9.12 24.38 -1.33
N ARG D 57 9.02 25.55 -1.97
CA ARG D 57 8.49 26.77 -1.35
C ARG D 57 7.42 27.39 -2.22
N TRP D 58 6.35 27.89 -1.60
CA TRP D 58 5.36 28.72 -2.28
C TRP D 58 4.59 29.54 -1.31
N LYS D 59 3.73 30.45 -1.81
CA LYS D 59 2.99 31.37 -0.97
C LYS D 59 1.52 31.47 -1.41
N LEU D 60 0.60 31.31 -0.45
CA LEU D 60 -0.83 31.44 -0.71
C LEU D 60 -1.41 32.53 0.15
N ASN D 61 -2.19 33.43 -0.44
CA ASN D 61 -2.85 34.48 0.35
C ASN D 61 -3.81 33.92 1.40
N SER D 62 -4.44 32.80 1.10
CA SER D 62 -5.40 32.18 2.01
C SER D 62 -4.74 31.46 3.20
N LEU D 63 -3.41 31.42 3.24
CA LEU D 63 -2.69 30.98 4.45
C LEU D 63 -2.05 32.14 5.23
N MET D 64 -2.43 33.38 4.92
CA MET D 64 -1.92 34.53 5.65
C MET D 64 -2.75 34.78 6.91
N TRP D 65 -2.06 35.27 7.95
CA TRP D 65 -2.73 35.75 9.14
C TRP D 65 -1.89 36.84 9.74
N ASP D 66 -2.50 37.64 10.60
CA ASP D 66 -1.80 38.66 11.37
C ASP D 66 -1.40 38.09 12.72
N PRO D 67 -0.09 38.00 13.02
CA PRO D 67 0.36 37.47 14.31
C PRO D 67 -0.28 38.12 15.52
N ASN D 68 -0.53 39.43 15.46
CA ASN D 68 -1.17 40.16 16.57
C ASN D 68 -2.56 39.60 16.92
N GLU D 69 -3.22 39.00 15.93
CA GLU D 69 -4.55 38.43 16.14
C GLU D 69 -4.52 37.00 16.69
N TYR D 70 -3.33 36.43 16.83
CA TYR D 70 -3.17 35.03 17.25
C TYR D 70 -1.96 34.83 18.17
N GLY D 71 -1.85 35.68 19.19
CA GLY D 71 -0.81 35.54 20.21
C GLY D 71 0.60 35.56 19.68
N ASN D 72 0.84 36.40 18.68
CA ASN D 72 2.17 36.55 18.08
C ASN D 72 2.77 35.28 17.45
N ILE D 73 1.92 34.34 17.06
CA ILE D 73 2.39 33.13 16.35
C ILE D 73 2.81 33.53 14.94
N THR D 74 4.06 33.25 14.60
CA THR D 74 4.59 33.63 13.28
C THR D 74 4.67 32.45 12.31
N ASP D 75 4.56 31.23 12.81
CA ASP D 75 4.61 30.05 11.95
C ASP D 75 4.07 28.82 12.66
N PHE D 76 3.80 27.76 11.90
CA PHE D 76 3.42 26.49 12.50
C PHE D 76 3.69 25.32 11.57
N ARG D 77 3.67 24.14 12.15
CA ARG D 77 3.86 22.88 11.43
C ARG D 77 2.50 22.24 11.20
N THR D 78 2.31 21.64 10.04
CA THR D 78 1.07 20.93 9.78
C THR D 78 1.30 19.84 8.75
N SER D 79 0.47 18.82 8.81
CA SER D 79 0.49 17.74 7.84
C SER D 79 0.36 18.29 6.42
N ALA D 80 1.19 17.79 5.52
CA ALA D 80 1.10 18.20 4.12
C ALA D 80 -0.23 17.84 3.47
N ALA D 81 -0.91 16.83 4.00
CA ALA D 81 -2.27 16.48 3.57
C ALA D 81 -3.32 17.54 3.90
N ASP D 82 -3.08 18.40 4.88
CA ASP D 82 -4.04 19.46 5.25
C ASP D 82 -4.03 20.66 4.32
N ILE D 83 -3.00 20.79 3.49
CA ILE D 83 -2.88 21.96 2.63
C ILE D 83 -2.73 21.53 1.18
N TRP D 84 -3.00 22.46 0.25
CA TRP D 84 -2.71 22.27 -1.17
C TRP D 84 -1.21 22.14 -1.33
N THR D 85 -0.77 21.23 -2.18
CA THR D 85 0.64 21.11 -2.51
C THR D 85 0.76 21.07 -4.03
N PRO D 86 1.88 21.56 -4.56
CA PRO D 86 2.07 21.51 -5.99
C PRO D 86 2.38 20.09 -6.51
N ASP D 87 1.97 19.82 -7.76
CA ASP D 87 2.12 18.51 -8.39
C ASP D 87 3.45 18.37 -9.13
N ILE D 88 4.54 18.67 -8.44
CA ILE D 88 5.87 18.60 -9.04
C ILE D 88 6.21 17.14 -9.25
N THR D 89 6.62 16.79 -10.46
CA THR D 89 6.88 15.40 -10.81
C THR D 89 8.19 15.26 -11.53
N ALA D 90 8.94 14.21 -11.22
CA ALA D 90 10.09 13.84 -12.03
C ALA D 90 9.53 13.33 -13.35
N TYR D 91 10.02 13.85 -14.47
CA TYR D 91 9.49 13.46 -15.77
C TYR D 91 10.08 12.17 -16.32
N SER D 92 11.10 11.61 -15.68
CA SER D 92 11.73 10.40 -16.24
C SER D 92 11.96 9.31 -15.19
N SER D 93 11.06 9.21 -14.23
CA SER D 93 11.12 8.15 -13.25
C SER D 93 10.71 6.84 -13.90
N THR D 94 11.19 5.73 -13.33
CA THR D 94 10.81 4.42 -13.78
C THR D 94 10.09 3.62 -12.71
N ARG D 95 9.97 4.17 -11.50
CA ARG D 95 9.23 3.55 -10.40
C ARG D 95 8.55 4.64 -9.63
N PRO D 96 7.50 4.30 -8.88
CA PRO D 96 6.95 5.32 -7.97
C PRO D 96 8.01 5.81 -6.99
N VAL D 97 8.00 7.09 -6.72
CA VAL D 97 8.96 7.67 -5.78
C VAL D 97 8.67 7.13 -4.38
N GLN D 98 9.72 6.82 -3.63
CA GLN D 98 9.54 6.34 -2.27
C GLN D 98 9.82 7.48 -1.29
N VAL D 99 8.86 7.77 -0.41
CA VAL D 99 9.02 8.86 0.54
C VAL D 99 9.74 8.37 1.80
N LEU D 100 10.79 9.08 2.20
CA LEU D 100 11.61 8.68 3.32
C LEU D 100 11.43 9.59 4.54
N SER D 101 10.57 10.58 4.47
CA SER D 101 10.43 11.48 5.57
C SER D 101 8.95 11.71 5.89
N PRO D 102 8.66 12.24 7.09
CA PRO D 102 7.29 12.62 7.42
C PRO D 102 6.77 13.67 6.45
N GLN D 103 5.50 13.59 6.13
CA GLN D 103 4.89 14.56 5.21
C GLN D 103 4.33 15.73 6.02
N ILE D 104 5.21 16.60 6.52
CA ILE D 104 4.83 17.76 7.33
C ILE D 104 5.41 19.04 6.72
N ALA D 105 4.62 20.10 6.67
CA ALA D 105 5.07 21.38 6.11
C ALA D 105 5.09 22.48 7.18
N VAL D 106 5.84 23.54 6.90
CA VAL D 106 5.91 24.70 7.77
C VAL D 106 5.22 25.85 7.07
N VAL D 107 4.29 26.49 7.76
CA VAL D 107 3.52 27.59 7.20
C VAL D 107 3.82 28.84 8.00
N THR D 108 4.09 29.95 7.32
CA THR D 108 4.44 31.18 7.99
C THR D 108 3.37 32.22 7.76
N HIS D 109 3.34 33.22 8.63
CA HIS D 109 2.23 34.18 8.65
C HIS D 109 2.01 34.93 7.37
N ASP D 110 3.07 35.09 6.58
CA ASP D 110 2.94 35.73 5.28
C ASP D 110 2.34 34.80 4.22
N GLY D 111 1.95 33.60 4.62
CA GLY D 111 1.36 32.65 3.70
C GLY D 111 2.37 31.75 2.97
N SER D 112 3.65 31.81 3.34
CA SER D 112 4.65 30.94 2.71
C SER D 112 4.60 29.56 3.31
N VAL D 113 4.92 28.59 2.49
CA VAL D 113 4.89 27.21 2.90
C VAL D 113 6.24 26.62 2.50
N MET D 114 6.88 25.90 3.42
CA MET D 114 8.06 25.12 3.11
C MET D 114 7.70 23.66 3.31
N PHE D 115 8.13 22.82 2.39
CA PHE D 115 7.86 21.40 2.43
C PHE D 115 9.12 20.74 1.87
N ILE D 116 9.79 19.90 2.67
CA ILE D 116 11.04 19.25 2.26
C ILE D 116 10.92 17.72 2.39
N PRO D 117 10.23 17.07 1.44
CA PRO D 117 10.20 15.61 1.41
C PRO D 117 11.56 14.98 1.04
N ALA D 118 11.96 13.97 1.80
CA ALA D 118 13.09 13.11 1.42
C ALA D 118 12.58 11.96 0.55
N GLN D 119 13.29 11.63 -0.52
CA GLN D 119 12.79 10.68 -1.51
C GLN D 119 13.89 9.80 -2.09
N ARG D 120 13.49 8.60 -2.48
CA ARG D 120 14.31 7.76 -3.32
C ARG D 120 13.64 7.63 -4.67
N LEU D 121 14.37 7.96 -5.72
CA LEU D 121 13.86 7.99 -7.06
C LEU D 121 14.67 7.07 -7.93
N SER D 122 13.99 6.25 -8.73
CA SER D 122 14.60 5.54 -9.85
C SER D 122 14.29 6.32 -11.13
N PHE D 123 15.31 6.66 -11.90
CA PHE D 123 15.11 7.39 -13.15
C PHE D 123 16.04 6.91 -14.24
N MET D 124 15.74 7.30 -15.46
CA MET D 124 16.41 6.76 -16.60
C MET D 124 17.78 7.39 -16.74
N CYS D 125 18.82 6.55 -16.75
CA CYS D 125 20.18 7.00 -16.94
C CYS D 125 21.05 5.85 -17.42
N ASP D 126 21.82 6.10 -18.47
CA ASP D 126 22.79 5.11 -18.96
C ASP D 126 24.08 5.35 -18.22
N PRO D 127 24.45 4.42 -17.32
CA PRO D 127 25.67 4.61 -16.53
C PRO D 127 26.99 4.23 -17.21
N THR D 128 26.95 3.90 -18.50
CA THR D 128 28.20 3.61 -19.24
C THR D 128 29.23 4.71 -19.04
N GLY D 129 30.43 4.29 -18.64
CA GLY D 129 31.53 5.21 -18.36
C GLY D 129 31.65 5.61 -16.91
N VAL D 130 30.73 5.15 -16.06
CA VAL D 130 30.75 5.50 -14.65
C VAL D 130 32.03 5.01 -13.97
N ASP D 131 32.54 3.86 -14.43
CA ASP D 131 33.78 3.28 -13.90
C ASP D 131 35.07 4.00 -14.36
N SER D 132 34.97 4.94 -15.30
CA SER D 132 36.11 5.72 -15.74
C SER D 132 36.32 6.97 -14.87
N GLU D 133 37.42 7.68 -15.13
CA GLU D 133 37.80 8.89 -14.39
C GLU D 133 36.90 10.09 -14.71
N GLU D 134 36.52 10.23 -15.97
CA GLU D 134 35.65 11.33 -16.41
C GLU D 134 34.23 11.15 -15.89
N GLY D 135 33.87 9.92 -15.58
CA GLY D 135 32.55 9.64 -15.04
C GLY D 135 31.44 9.66 -16.08
N VAL D 136 30.22 9.89 -15.61
CA VAL D 136 29.06 9.89 -16.48
C VAL D 136 28.09 10.97 -16.01
N THR D 137 27.37 11.55 -16.95
CA THR D 137 26.37 12.56 -16.64
C THR D 137 25.00 11.98 -16.90
N CYS D 138 24.05 12.30 -16.03
CA CYS D 138 22.65 12.22 -16.45
C CYS D 138 21.79 13.25 -15.77
N ALA D 139 20.54 13.30 -16.18
CA ALA D 139 19.69 14.40 -15.89
C ALA D 139 18.26 13.94 -15.62
N VAL D 140 17.52 14.71 -14.84
CA VAL D 140 16.13 14.44 -14.61
C VAL D 140 15.40 15.77 -14.57
N LYS D 141 14.31 15.90 -15.32
CA LYS D 141 13.54 17.12 -15.31
C LYS D 141 12.40 16.99 -14.32
N PHE D 142 12.16 18.05 -13.57
CA PHE D 142 11.04 18.12 -12.65
C PHE D 142 10.16 19.27 -13.07
N GLY D 143 8.84 19.07 -12.99
CA GLY D 143 7.91 20.14 -13.28
C GLY D 143 6.50 19.71 -12.94
N SER D 144 5.56 20.64 -13.10
CA SER D 144 4.18 20.37 -12.87
C SER D 144 3.73 19.39 -13.95
N TRP D 145 2.79 18.54 -13.59
CA TRP D 145 2.26 17.57 -14.53
C TRP D 145 1.13 18.17 -15.30
N VAL D 146 0.33 19.03 -14.65
CA VAL D 146 -0.86 19.57 -15.31
C VAL D 146 -0.96 21.08 -15.45
N TYR D 147 -0.08 21.82 -14.76
CA TYR D 147 -0.13 23.28 -14.81
C TYR D 147 0.95 23.84 -15.72
N SER D 148 0.56 24.79 -16.59
CA SER D 148 1.48 25.48 -17.45
C SER D 148 2.15 26.58 -16.66
N GLY D 149 3.08 27.27 -17.30
CA GLY D 149 3.74 28.41 -16.71
C GLY D 149 2.80 29.59 -16.42
N PHE D 150 1.62 29.62 -17.03
CA PHE D 150 0.63 30.64 -16.68
C PHE D 150 0.01 30.44 -15.30
N GLU D 151 0.07 29.21 -14.78
CA GLU D 151 -0.51 28.92 -13.49
C GLU D 151 0.55 28.68 -12.43
N ILE D 152 1.57 27.88 -12.76
CA ILE D 152 2.66 27.63 -11.83
C ILE D 152 3.98 27.99 -12.49
N ASP D 153 4.64 29.00 -11.95
CA ASP D 153 5.99 29.36 -12.37
C ASP D 153 6.97 28.62 -11.48
N LEU D 154 7.97 27.95 -12.07
CA LEU D 154 8.99 27.26 -11.28
C LEU D 154 10.22 28.10 -11.26
N LYS D 155 10.97 28.04 -10.17
CA LYS D 155 12.28 28.64 -10.14
C LYS D 155 13.13 27.96 -9.09
N THR D 156 14.39 28.36 -9.00
CA THR D 156 15.34 27.86 -8.03
C THR D 156 15.87 29.05 -7.24
N ASP D 157 16.36 28.82 -6.01
CA ASP D 157 16.69 29.88 -5.01
C ASP D 157 18.23 30.13 -4.85
N THR D 158 18.91 29.05 -4.52
CA THR D 158 20.33 29.06 -4.25
C THR D 158 21.06 28.98 -5.57
N ASP D 159 22.34 29.29 -5.52
CA ASP D 159 23.16 29.05 -6.68
C ASP D 159 23.06 27.57 -7.00
N GLN D 160 23.42 26.81 -5.98
CA GLN D 160 23.95 25.44 -6.20
C GLN D 160 23.13 24.28 -5.64
N VAL D 161 23.32 23.15 -6.29
CA VAL D 161 22.76 21.92 -5.77
C VAL D 161 23.53 21.65 -4.50
N ASP D 162 22.82 21.46 -3.41
CA ASP D 162 23.45 21.25 -2.12
C ASP D 162 24.03 19.82 -2.00
N LEU D 163 25.37 19.73 -1.92
CA LEU D 163 26.08 18.45 -1.76
C LEU D 163 26.66 18.28 -0.35
N SER D 164 26.31 19.18 0.56
CA SER D 164 26.89 19.19 1.91
C SER D 164 26.52 17.95 2.74
N SER D 165 25.43 17.27 2.38
CA SER D 165 25.00 16.06 3.07
C SER D 165 25.25 14.80 2.26
N TYR D 166 26.06 14.86 1.20
CA TYR D 166 26.23 13.68 0.37
C TYR D 166 27.03 12.65 1.14
N TYR D 167 26.54 11.40 1.14
CA TYR D 167 27.16 10.30 1.89
C TYR D 167 28.62 10.13 1.51
N ALA D 168 29.50 10.35 2.48
CA ALA D 168 30.94 10.31 2.25
C ALA D 168 31.44 8.96 1.76
N SER D 169 30.77 7.85 2.11
CA SER D 169 31.25 6.52 1.69
C SER D 169 30.36 5.86 0.64
N SER D 170 29.64 6.68 -0.12
CA SER D 170 28.86 6.19 -1.24
C SER D 170 29.73 5.46 -2.22
N LYS D 171 29.16 4.50 -2.93
CA LYS D 171 29.90 3.84 -4.01
C LYS D 171 30.21 4.80 -5.15
N TYR D 172 29.47 5.90 -5.24
CA TYR D 172 29.64 6.89 -6.30
C TYR D 172 29.94 8.28 -5.72
N GLU D 173 30.94 8.97 -6.30
CA GLU D 173 31.21 10.35 -5.90
C GLU D 173 30.65 11.33 -6.93
N ILE D 174 30.10 12.44 -6.43
CA ILE D 174 29.53 13.46 -7.29
C ILE D 174 30.64 14.38 -7.73
N LEU D 175 30.89 14.41 -9.03
CA LEU D 175 31.84 15.34 -9.61
C LEU D 175 31.21 16.72 -9.78
N SER D 176 29.90 16.75 -9.97
CA SER D 176 29.22 17.99 -10.32
C SER D 176 27.70 17.80 -10.28
N ALA D 177 27.00 18.83 -9.84
CA ALA D 177 25.55 18.82 -9.81
C ALA D 177 24.98 20.24 -10.02
N THR D 178 24.07 20.40 -10.98
CA THR D 178 23.38 21.68 -11.19
C THR D 178 21.87 21.48 -11.20
N GLN D 179 21.15 22.57 -10.95
CA GLN D 179 19.71 22.61 -11.01
C GLN D 179 19.33 23.90 -11.75
N THR D 180 18.64 23.79 -12.88
CA THR D 180 18.37 24.99 -13.69
C THR D 180 16.96 24.98 -14.30
N ARG D 181 16.36 26.14 -14.26
CA ARG D 181 15.05 26.38 -14.83
C ARG D 181 15.18 26.43 -16.33
N GLN D 182 14.24 25.82 -17.02
CA GLN D 182 14.16 25.88 -18.47
C GLN D 182 12.74 26.29 -18.86
N VAL D 183 12.62 27.18 -19.84
CA VAL D 183 11.30 27.63 -20.29
C VAL D 183 11.13 27.34 -21.78
N GLN D 184 10.03 26.69 -22.14
CA GLN D 184 9.81 26.25 -23.51
C GLN D 184 8.50 26.83 -24.02
N HIS D 185 8.52 27.41 -25.23
CA HIS D 185 7.28 27.82 -25.89
C HIS D 185 7.09 26.99 -27.13
N TYR D 186 5.84 26.73 -27.47
CA TYR D 186 5.49 26.01 -28.70
C TYR D 186 4.72 26.93 -29.63
N SER D 187 4.79 26.68 -30.93
CA SER D 187 4.23 27.61 -31.92
C SER D 187 2.72 27.70 -31.81
N CYS D 188 2.08 26.55 -31.60
CA CYS D 188 0.63 26.47 -31.46
C CYS D 188 0.08 27.41 -30.39
N CYS D 189 0.83 27.53 -29.30
CA CYS D 189 0.22 27.87 -28.02
C CYS D 189 0.94 29.03 -27.31
N PRO D 190 0.17 29.91 -26.67
CA PRO D 190 0.77 31.07 -26.01
C PRO D 190 1.45 30.78 -24.68
N GLU D 191 1.05 29.72 -24.00
CA GLU D 191 1.51 29.48 -22.64
C GLU D 191 2.88 28.79 -22.61
N PRO D 192 3.77 29.24 -21.72
CA PRO D 192 5.08 28.63 -21.58
C PRO D 192 5.02 27.36 -20.72
N TYR D 193 5.94 26.45 -20.99
CA TYR D 193 6.11 25.27 -20.18
C TYR D 193 7.46 25.29 -19.52
N ILE D 194 7.46 25.01 -18.23
CA ILE D 194 8.62 25.21 -17.38
C ILE D 194 9.03 23.93 -16.67
N ASP D 195 10.33 23.67 -16.59
CA ASP D 195 10.84 22.60 -15.75
C ASP D 195 12.17 22.96 -15.13
N VAL D 196 12.58 22.20 -14.12
CA VAL D 196 13.86 22.37 -13.51
C VAL D 196 14.69 21.13 -13.83
N ASN D 197 15.84 21.34 -14.43
CA ASN D 197 16.67 20.23 -14.85
C ASN D 197 17.73 19.99 -13.78
N LEU D 198 17.67 18.83 -13.11
CA LEU D 198 18.73 18.40 -12.21
C LEU D 198 19.72 17.56 -13.00
N VAL D 199 20.96 18.03 -13.10
CA VAL D 199 22.00 17.35 -13.89
C VAL D 199 23.14 16.96 -12.97
N VAL D 200 23.52 15.69 -12.97
CA VAL D 200 24.50 15.17 -12.05
C VAL D 200 25.59 14.38 -12.79
N LYS D 201 26.84 14.78 -12.61
CA LYS D 201 27.97 14.07 -13.15
C LYS D 201 28.63 13.31 -12.00
N PHE D 202 28.72 11.98 -12.12
CA PHE D 202 29.25 11.15 -11.05
C PHE D 202 30.10 10.00 -11.57
N ARG D 203 30.80 9.33 -10.65
CA ARG D 203 31.63 8.18 -11.01
C ARG D 203 31.84 7.27 -9.81
N GLU D 204 32.37 6.08 -10.06
CA GLU D 204 32.74 5.16 -8.97
C GLU D 204 33.88 5.75 -8.14
N ARG D 205 33.73 5.70 -6.82
CA ARG D 205 34.79 6.12 -5.91
C ARG D 205 35.74 4.96 -5.71
N GLN E 1 -10.56 33.85 -7.71
CA GLN E 1 -10.60 32.51 -7.07
C GLN E 1 -11.99 32.18 -6.50
N ALA E 2 -12.74 33.23 -6.16
CA ALA E 2 -14.14 33.11 -5.74
C ALA E 2 -14.94 32.35 -6.79
N ASN E 3 -14.79 32.73 -8.05
CA ASN E 3 -15.50 32.08 -9.14
C ASN E 3 -15.13 30.59 -9.30
N LEU E 4 -13.84 30.29 -9.22
CA LEU E 4 -13.42 28.90 -9.40
C LEU E 4 -13.98 28.03 -8.27
N MET E 5 -13.98 28.55 -7.05
CA MET E 5 -14.55 27.84 -5.91
C MET E 5 -16.04 27.58 -6.15
N ARG E 6 -16.73 28.62 -6.65
CA ARG E 6 -18.16 28.51 -6.90
C ARG E 6 -18.45 27.49 -8.01
N LEU E 7 -17.68 27.58 -9.09
CA LEU E 7 -17.82 26.65 -10.22
C LEU E 7 -17.66 25.22 -9.75
N LYS E 8 -16.61 24.95 -8.97
CA LYS E 8 -16.33 23.59 -8.52
C LYS E 8 -17.40 23.11 -7.53
N SER E 9 -17.80 23.99 -6.64
CA SER E 9 -18.90 23.72 -5.74
C SER E 9 -20.15 23.34 -6.53
N ASP E 10 -20.51 24.16 -7.53
CA ASP E 10 -21.68 23.88 -8.37
C ASP E 10 -21.58 22.54 -9.13
N LEU E 11 -20.40 22.24 -9.68
CA LEU E 11 -20.23 21.03 -10.47
C LEU E 11 -20.13 19.74 -9.64
N PHE E 12 -19.56 19.82 -8.43
CA PHE E 12 -19.28 18.60 -7.63
C PHE E 12 -20.07 18.46 -6.35
N ASN E 13 -20.35 19.55 -5.65
CA ASN E 13 -21.12 19.47 -4.41
C ASN E 13 -22.62 19.55 -4.69
N ARG E 14 -23.02 20.56 -5.47
CA ARG E 14 -24.43 20.82 -5.73
C ARG E 14 -24.92 20.07 -6.98
N SER E 15 -24.36 18.90 -7.24
CA SER E 15 -24.74 18.06 -8.40
C SER E 15 -24.62 16.60 -8.02
N PRO E 16 -25.48 15.76 -8.62
CA PRO E 16 -25.48 14.33 -8.26
C PRO E 16 -24.32 13.59 -8.91
N MET E 17 -23.90 12.50 -8.30
CA MET E 17 -22.79 11.68 -8.80
C MET E 17 -23.18 11.08 -10.15
N TYR E 18 -22.33 11.31 -11.15
CA TYR E 18 -22.53 10.73 -12.47
C TYR E 18 -22.37 9.21 -12.37
N PRO E 19 -23.40 8.44 -12.78
CA PRO E 19 -23.39 6.99 -12.59
C PRO E 19 -22.68 6.20 -13.71
N GLY E 20 -21.93 6.88 -14.57
CA GLY E 20 -21.24 6.20 -15.67
C GLY E 20 -22.14 6.14 -16.89
N PRO E 21 -21.57 5.80 -18.03
CA PRO E 21 -22.33 5.75 -19.24
C PRO E 21 -23.24 4.54 -19.31
N THR E 22 -24.23 4.62 -20.20
CA THR E 22 -25.14 3.51 -20.50
C THR E 22 -25.39 3.44 -22.00
N LYS E 23 -26.11 2.41 -22.44
CA LYS E 23 -26.48 2.26 -23.85
C LYS E 23 -27.28 3.50 -24.33
N ASP E 24 -28.14 4.05 -23.47
CA ASP E 24 -28.89 5.26 -23.81
C ASP E 24 -28.04 6.53 -23.84
N ASP E 25 -27.00 6.60 -23.01
CA ASP E 25 -26.11 7.77 -22.97
C ASP E 25 -24.64 7.33 -23.06
N PRO E 26 -24.21 6.88 -24.25
CA PRO E 26 -22.86 6.37 -24.40
C PRO E 26 -21.82 7.47 -24.35
N LEU E 27 -20.57 7.04 -24.28
CA LEU E 27 -19.44 7.90 -24.13
C LEU E 27 -18.31 7.46 -25.04
N THR E 28 -17.60 8.41 -25.65
CA THR E 28 -16.43 8.10 -26.44
C THR E 28 -15.20 8.48 -25.66
N VAL E 29 -14.27 7.54 -25.50
CA VAL E 29 -13.01 7.82 -24.87
C VAL E 29 -11.95 7.76 -25.95
N THR E 30 -11.17 8.82 -26.10
CA THR E 30 -10.07 8.83 -27.03
C THR E 30 -8.78 8.48 -26.27
N LEU E 31 -8.00 7.56 -26.81
CA LEU E 31 -6.75 7.12 -26.19
C LEU E 31 -5.57 7.41 -27.10
N GLY E 32 -4.45 7.83 -26.49
CA GLY E 32 -3.19 7.96 -27.20
C GLY E 32 -2.05 7.58 -26.27
N PHE E 33 -1.00 6.98 -26.78
CA PHE E 33 0.10 6.57 -25.93
C PHE E 33 1.36 7.34 -26.27
N THR E 34 2.09 7.73 -25.24
CA THR E 34 3.44 8.27 -25.39
C THR E 34 4.36 7.30 -24.71
N LEU E 35 5.29 6.72 -25.46
CA LEU E 35 6.15 5.71 -24.91
C LEU E 35 7.49 6.34 -24.49
N GLN E 36 7.80 6.22 -23.19
CA GLN E 36 9.02 6.78 -22.64
C GLN E 36 10.21 5.82 -22.69
N ASP E 37 9.98 4.57 -22.33
CA ASP E 37 11.10 3.62 -22.21
C ASP E 37 10.61 2.18 -22.12
N ILE E 38 11.27 1.29 -22.87
CA ILE E 38 11.20 -0.12 -22.58
C ILE E 38 12.32 -0.31 -21.58
N VAL E 39 11.94 -0.51 -20.32
CA VAL E 39 12.89 -0.52 -19.21
C VAL E 39 13.58 -1.86 -19.09
N LYS E 40 12.85 -2.92 -19.31
CA LYS E 40 13.29 -4.27 -18.95
C LYS E 40 12.58 -5.33 -19.78
N VAL E 41 13.31 -6.41 -20.07
CA VAL E 41 12.75 -7.59 -20.70
C VAL E 41 13.23 -8.79 -19.91
N ASP E 42 12.31 -9.71 -19.62
CA ASP E 42 12.65 -10.93 -18.93
C ASP E 42 12.36 -12.08 -19.87
N SER E 43 13.41 -12.64 -20.45
CA SER E 43 13.24 -13.72 -21.40
C SER E 43 12.94 -15.06 -20.73
N SER E 44 13.10 -15.12 -19.42
CA SER E 44 12.82 -16.36 -18.70
C SER E 44 11.37 -16.45 -18.23
N THR E 45 10.65 -15.33 -18.22
CA THR E 45 9.20 -15.34 -17.87
C THR E 45 8.30 -14.76 -18.97
N ASN E 46 8.91 -14.25 -20.04
CA ASN E 46 8.21 -13.58 -21.13
C ASN E 46 7.37 -12.41 -20.63
N GLU E 47 8.05 -11.51 -19.92
CA GLU E 47 7.47 -10.26 -19.43
C GLU E 47 8.33 -9.10 -19.88
N VAL E 48 7.69 -8.04 -20.38
CA VAL E 48 8.36 -6.82 -20.75
C VAL E 48 7.79 -5.66 -19.95
N ASP E 49 8.65 -4.76 -19.49
CA ASP E 49 8.21 -3.58 -18.74
C ASP E 49 8.32 -2.32 -19.59
N LEU E 50 7.25 -1.52 -19.58
CA LEU E 50 7.10 -0.31 -20.39
C LEU E 50 6.78 0.82 -19.48
N VAL E 51 7.43 1.95 -19.67
CA VAL E 51 7.01 3.20 -19.03
C VAL E 51 6.46 4.10 -20.12
N TYR E 52 5.25 4.59 -19.90
CA TYR E 52 4.52 5.34 -20.92
C TYR E 52 3.49 6.25 -20.28
N TYR E 53 3.02 7.25 -21.03
CA TYR E 53 1.85 8.04 -20.62
C TYR E 53 0.71 7.69 -21.53
N GLU E 54 -0.49 7.68 -20.97
CA GLU E 54 -1.70 7.26 -21.64
C GLU E 54 -2.62 8.46 -21.59
N GLN E 55 -2.73 9.19 -22.70
CA GLN E 55 -3.65 10.30 -22.80
C GLN E 55 -5.08 9.79 -22.96
N GLN E 56 -5.96 10.20 -22.05
CA GLN E 56 -7.38 9.84 -22.12
C GLN E 56 -8.24 11.08 -22.20
N ARG E 57 -9.19 11.10 -23.13
CA ARG E 57 -10.10 12.26 -23.29
C ARG E 57 -11.54 11.78 -23.41
N TRP E 58 -12.46 12.49 -22.77
CA TRP E 58 -13.89 12.25 -22.95
C TRP E 58 -14.67 13.47 -22.59
N LYS E 59 -15.98 13.45 -22.85
CA LYS E 59 -16.82 14.61 -22.65
C LYS E 59 -18.15 14.24 -21.95
N LEU E 60 -18.49 14.97 -20.88
CA LEU E 60 -19.73 14.77 -20.14
C LEU E 60 -20.55 16.07 -20.14
N ASN E 61 -21.83 15.99 -20.47
CA ASN E 61 -22.68 17.16 -20.44
C ASN E 61 -22.78 17.75 -19.05
N SER E 62 -22.71 16.89 -18.04
CA SER E 62 -22.84 17.35 -16.65
C SER E 62 -21.58 18.07 -16.11
N LEU E 63 -20.52 18.16 -16.92
CA LEU E 63 -19.37 19.00 -16.59
C LEU E 63 -19.30 20.26 -17.47
N MET E 64 -20.38 20.59 -18.18
CA MET E 64 -20.43 21.83 -18.96
C MET E 64 -20.82 23.02 -18.09
N TRP E 65 -20.29 24.19 -18.45
CA TRP E 65 -20.72 25.46 -17.87
C TRP E 65 -20.50 26.55 -18.87
N ASP E 66 -21.13 27.70 -18.63
CA ASP E 66 -20.94 28.90 -19.44
C ASP E 66 -19.90 29.79 -18.77
N PRO E 67 -18.76 30.02 -19.43
CA PRO E 67 -17.71 30.89 -18.87
C PRO E 67 -18.19 32.25 -18.40
N ASN E 68 -19.14 32.85 -19.12
CA ASN E 68 -19.70 34.16 -18.74
C ASN E 68 -20.35 34.16 -17.36
N GLU E 69 -20.84 33.01 -16.93
CA GLU E 69 -21.46 32.86 -15.61
C GLU E 69 -20.45 32.65 -14.48
N TYR E 70 -19.17 32.49 -14.82
CA TYR E 70 -18.12 32.17 -13.85
C TYR E 70 -16.81 32.90 -14.11
N GLY E 71 -16.90 34.20 -14.34
CA GLY E 71 -15.71 35.05 -14.52
C GLY E 71 -14.80 34.60 -15.65
N ASN E 72 -15.39 34.14 -16.75
CA ASN E 72 -14.66 33.72 -17.94
C ASN E 72 -13.66 32.57 -17.74
N ILE E 73 -13.90 31.74 -16.74
CA ILE E 73 -13.09 30.53 -16.52
C ILE E 73 -13.43 29.52 -17.61
N THR E 74 -12.43 29.12 -18.39
CA THR E 74 -12.65 28.20 -19.51
C THR E 74 -12.21 26.77 -19.19
N ASP E 75 -11.43 26.60 -18.12
CA ASP E 75 -10.97 25.26 -17.73
C ASP E 75 -10.44 25.26 -16.32
N PHE E 76 -10.31 24.09 -15.72
CA PHE E 76 -9.67 23.98 -14.42
C PHE E 76 -9.11 22.59 -14.17
N ARG E 77 -8.25 22.51 -13.16
CA ARG E 77 -7.59 21.26 -12.76
C ARG E 77 -8.31 20.71 -11.55
N THR E 78 -8.45 19.40 -11.49
CA THR E 78 -9.06 18.81 -10.33
C THR E 78 -8.57 17.38 -10.15
N SER E 79 -8.58 16.92 -8.91
CA SER E 79 -8.20 15.54 -8.59
C SER E 79 -9.03 14.55 -9.38
N ALA E 80 -8.37 13.56 -9.94
CA ALA E 80 -9.05 12.53 -10.71
C ALA E 80 -10.07 11.75 -9.86
N ALA E 81 -9.86 11.72 -8.55
CA ALA E 81 -10.80 11.12 -7.62
C ALA E 81 -12.13 11.87 -7.52
N ASP E 82 -12.15 13.17 -7.86
CA ASP E 82 -13.40 13.96 -7.80
C ASP E 82 -14.36 13.70 -8.95
N ILE E 83 -13.89 13.05 -10.00
CA ILE E 83 -14.72 12.84 -11.18
C ILE E 83 -14.74 11.37 -11.57
N TRP E 84 -15.74 10.99 -12.37
CA TRP E 84 -15.78 9.68 -13.01
C TRP E 84 -14.60 9.57 -13.95
N THR E 85 -13.97 8.41 -13.98
CA THR E 85 -12.96 8.11 -14.97
C THR E 85 -13.25 6.75 -15.62
N PRO E 86 -12.84 6.55 -16.88
CA PRO E 86 -13.11 5.27 -17.54
C PRO E 86 -12.19 4.16 -17.05
N ASP E 87 -12.68 2.91 -17.06
CA ASP E 87 -11.95 1.73 -16.55
C ASP E 87 -11.07 1.07 -17.62
N ILE E 88 -10.24 1.88 -18.27
CA ILE E 88 -9.37 1.36 -19.33
C ILE E 88 -8.29 0.50 -18.69
N THR E 89 -8.15 -0.73 -19.19
CA THR E 89 -7.24 -1.69 -18.60
C THR E 89 -6.40 -2.39 -19.69
N ALA E 90 -5.14 -2.65 -19.38
CA ALA E 90 -4.31 -3.53 -20.21
C ALA E 90 -4.87 -4.94 -20.09
N TYR E 91 -5.11 -5.63 -21.20
CA TYR E 91 -5.69 -6.97 -21.13
C TYR E 91 -4.65 -8.08 -20.91
N SER E 92 -3.37 -7.78 -20.93
CA SER E 92 -2.36 -8.83 -20.78
C SER E 92 -1.25 -8.45 -19.81
N SER E 93 -1.60 -7.69 -18.79
CA SER E 93 -0.64 -7.33 -17.77
C SER E 93 -0.33 -8.55 -16.91
N THR E 94 0.84 -8.54 -16.29
CA THR E 94 1.21 -9.58 -15.37
C THR E 94 1.49 -9.04 -13.95
N ARG E 95 1.39 -7.71 -13.76
CA ARG E 95 1.51 -7.08 -12.44
CA ARG E 95 1.46 -7.12 -12.43
C ARG E 95 0.57 -5.90 -12.40
N PRO E 96 0.20 -5.44 -11.20
CA PRO E 96 -0.57 -4.20 -11.13
C PRO E 96 0.23 -3.05 -11.72
N VAL E 97 -0.45 -2.17 -12.43
CA VAL E 97 0.21 -1.03 -13.03
C VAL E 97 0.70 -0.13 -11.92
N GLN E 98 1.89 0.43 -12.10
CA GLN E 98 2.44 1.41 -11.16
C GLN E 98 2.25 2.84 -11.71
N VAL E 99 1.62 3.71 -10.93
CA VAL E 99 1.34 5.07 -11.35
C VAL E 99 2.53 5.97 -11.04
N LEU E 100 2.99 6.71 -12.04
CA LEU E 100 4.19 7.55 -11.89
C LEU E 100 3.88 9.05 -11.85
N SER E 101 2.62 9.42 -11.94
CA SER E 101 2.28 10.85 -12.03
C SER E 101 1.11 11.17 -11.14
N PRO E 102 0.94 12.46 -10.83
CA PRO E 102 -0.19 12.89 -10.00
C PRO E 102 -1.49 12.53 -10.70
N GLN E 103 -2.49 12.14 -9.92
CA GLN E 103 -3.79 11.78 -10.49
C GLN E 103 -4.66 13.05 -10.56
N ILE E 104 -4.37 13.93 -11.52
CA ILE E 104 -5.10 15.19 -11.68
C ILE E 104 -5.60 15.28 -13.12
N ALA E 105 -6.82 15.77 -13.31
CA ALA E 105 -7.37 15.94 -14.63
C ALA E 105 -7.65 17.42 -14.95
N VAL E 106 -7.76 17.72 -16.24
CA VAL E 106 -8.18 19.03 -16.69
C VAL E 106 -9.57 18.95 -17.25
N VAL E 107 -10.45 19.83 -16.78
CA VAL E 107 -11.82 19.87 -17.25
C VAL E 107 -12.04 21.18 -17.97
N THR E 108 -12.70 21.14 -19.12
CA THR E 108 -12.92 22.34 -19.93
C THR E 108 -14.42 22.66 -20.00
N HIS E 109 -14.76 23.91 -20.27
CA HIS E 109 -16.16 24.38 -20.19
C HIS E 109 -17.14 23.64 -21.07
N ASP E 110 -16.64 23.07 -22.16
CA ASP E 110 -17.48 22.21 -23.02
C ASP E 110 -17.74 20.82 -22.44
N GLY E 111 -17.23 20.55 -21.24
CA GLY E 111 -17.43 19.26 -20.61
C GLY E 111 -16.40 18.21 -20.97
N SER E 112 -15.33 18.61 -21.68
CA SER E 112 -14.26 17.66 -21.99
C SER E 112 -13.29 17.54 -20.81
N VAL E 113 -12.74 16.34 -20.65
CA VAL E 113 -11.85 16.02 -19.57
C VAL E 113 -10.60 15.37 -20.17
N MET E 114 -9.43 15.85 -19.77
CA MET E 114 -8.17 15.26 -20.19
C MET E 114 -7.53 14.71 -18.94
N PHE E 115 -6.99 13.50 -19.05
CA PHE E 115 -6.34 12.83 -17.95
C PHE E 115 -5.19 12.05 -18.55
N ILE E 116 -3.96 12.38 -18.14
CA ILE E 116 -2.77 11.72 -18.71
C ILE E 116 -1.91 11.05 -17.62
N PRO E 117 -2.31 9.86 -17.16
CA PRO E 117 -1.51 9.14 -16.17
C PRO E 117 -0.27 8.53 -16.73
N ALA E 118 0.87 8.71 -16.04
CA ALA E 118 2.10 8.03 -16.40
C ALA E 118 2.15 6.70 -15.67
N GLN E 119 2.60 5.64 -16.34
CA GLN E 119 2.50 4.31 -15.81
C GLN E 119 3.67 3.43 -16.19
N ARG E 120 3.98 2.48 -15.32
CA ARG E 120 4.86 1.38 -15.65
C ARG E 120 4.04 0.11 -15.66
N LEU E 121 4.08 -0.61 -16.77
CA LEU E 121 3.28 -1.79 -16.97
C LEU E 121 4.19 -2.98 -17.29
N SER E 122 3.94 -4.11 -16.66
CA SER E 122 4.50 -5.41 -17.05
C SER E 122 3.43 -6.18 -17.82
N PHE E 123 3.77 -6.66 -19.00
CA PHE E 123 2.83 -7.41 -19.81
C PHE E 123 3.51 -8.56 -20.54
N MET E 124 2.71 -9.45 -21.11
CA MET E 124 3.22 -10.69 -21.66
C MET E 124 3.81 -10.44 -23.04
N CYS E 125 5.09 -10.75 -23.18
CA CYS E 125 5.80 -10.61 -24.45
C CYS E 125 7.00 -11.52 -24.50
N ASP E 126 7.12 -12.28 -25.58
CA ASP E 126 8.27 -13.14 -25.80
C ASP E 126 9.33 -12.29 -26.52
N PRO E 127 10.44 -11.96 -25.83
CA PRO E 127 11.45 -11.10 -26.42
C PRO E 127 12.46 -11.82 -27.33
N THR E 128 12.26 -13.10 -27.60
CA THR E 128 13.17 -13.85 -28.46
C THR E 128 13.37 -13.12 -29.78
N GLY E 129 14.64 -12.91 -30.13
CA GLY E 129 14.99 -12.19 -31.35
C GLY E 129 15.26 -10.71 -31.13
N VAL E 130 15.11 -10.24 -29.89
CA VAL E 130 15.32 -8.82 -29.58
C VAL E 130 16.76 -8.41 -29.86
N ASP E 131 17.70 -9.33 -29.64
CA ASP E 131 19.13 -9.09 -29.87
C ASP E 131 19.55 -9.12 -31.35
N SER E 132 18.64 -9.49 -32.26
CA SER E 132 18.89 -9.44 -33.69
C SER E 132 18.56 -8.08 -34.31
N GLU E 133 18.90 -7.93 -35.59
CA GLU E 133 18.67 -6.69 -36.33
C GLU E 133 17.19 -6.43 -36.63
N GLU E 134 16.45 -7.49 -36.96
CA GLU E 134 15.02 -7.39 -37.25
C GLU E 134 14.19 -7.10 -36.02
N GLY E 135 14.75 -7.43 -34.85
CA GLY E 135 14.10 -7.12 -33.57
C GLY E 135 12.96 -8.06 -33.26
N VAL E 136 12.04 -7.59 -32.43
CA VAL E 136 10.91 -8.39 -32.02
C VAL E 136 9.68 -7.51 -31.86
N THR E 137 8.52 -8.09 -32.10
CA THR E 137 7.26 -7.36 -31.94
C THR E 137 6.49 -7.92 -30.77
N CYS E 138 5.84 -7.05 -30.01
CA CYS E 138 4.72 -7.50 -29.21
C CYS E 138 3.69 -6.43 -29.00
N ALA E 139 2.60 -6.83 -28.36
CA ALA E 139 1.39 -6.06 -28.39
C ALA E 139 0.66 -6.20 -27.07
N VAL E 140 -0.10 -5.17 -26.71
CA VAL E 140 -0.97 -5.25 -25.55
C VAL E 140 -2.25 -4.49 -25.89
N LYS E 141 -3.39 -5.11 -25.59
CA LYS E 141 -4.66 -4.53 -25.87
C LYS E 141 -5.15 -3.78 -24.64
N PHE E 142 -5.71 -2.60 -24.86
CA PHE E 142 -6.32 -1.82 -23.82
C PHE E 142 -7.78 -1.63 -24.14
N GLY E 143 -8.62 -1.69 -23.11
CA GLY E 143 -10.03 -1.50 -23.31
C GLY E 143 -10.71 -1.47 -21.97
N SER E 144 -12.02 -1.19 -22.02
CA SER E 144 -12.84 -1.21 -20.82
C SER E 144 -12.91 -2.64 -20.33
N TRP E 145 -13.01 -2.79 -19.02
CA TRP E 145 -13.13 -4.10 -18.43
C TRP E 145 -14.58 -4.50 -18.34
N VAL E 146 -15.46 -3.55 -18.06
CA VAL E 146 -16.87 -3.87 -17.84
C VAL E 146 -17.85 -3.26 -18.84
N TYR E 147 -17.41 -2.32 -19.67
CA TYR E 147 -18.32 -1.69 -20.63
C TYR E 147 -18.07 -2.19 -22.06
N SER E 148 -19.17 -2.52 -22.76
CA SER E 148 -19.12 -2.88 -24.15
C SER E 148 -19.04 -1.62 -25.00
N GLY E 149 -18.96 -1.80 -26.31
CA GLY E 149 -19.00 -0.69 -27.25
C GLY E 149 -20.32 0.08 -27.28
N PHE E 150 -21.40 -0.49 -26.75
CA PHE E 150 -22.64 0.27 -26.61
C PHE E 150 -22.59 1.34 -25.54
N GLU E 151 -21.68 1.21 -24.59
CA GLU E 151 -21.57 2.17 -23.50
C GLU E 151 -20.32 3.04 -23.63
N ILE E 152 -19.18 2.42 -23.90
CA ILE E 152 -17.94 3.16 -24.10
C ILE E 152 -17.35 2.82 -25.46
N ASP E 153 -17.30 3.82 -26.35
CA ASP E 153 -16.65 3.70 -27.63
C ASP E 153 -15.22 4.18 -27.49
N LEU E 154 -14.24 3.42 -27.98
CA LEU E 154 -12.84 3.86 -27.92
C LEU E 154 -12.42 4.30 -29.29
N LYS E 155 -11.50 5.26 -29.33
CA LYS E 155 -10.87 5.62 -30.57
C LYS E 155 -9.54 6.28 -30.31
N THR E 156 -8.80 6.58 -31.37
CA THR E 156 -7.52 7.25 -31.28
C THR E 156 -7.58 8.48 -32.15
N ASP E 157 -6.69 9.43 -31.94
CA ASP E 157 -6.59 10.58 -32.84
C ASP E 157 -5.58 10.30 -33.95
N THR E 158 -4.70 9.33 -33.74
CA THR E 158 -3.67 8.94 -34.69
C THR E 158 -3.30 7.50 -34.41
N ASP E 159 -2.81 6.81 -35.42
CA ASP E 159 -2.30 5.46 -35.26
C ASP E 159 -0.86 5.42 -34.83
N GLN E 160 -0.16 6.55 -34.89
CA GLN E 160 1.26 6.54 -34.51
C GLN E 160 1.37 6.82 -33.02
N VAL E 161 2.04 5.92 -32.30
CA VAL E 161 2.37 6.15 -30.93
C VAL E 161 3.41 7.29 -30.89
N ASP E 162 3.24 8.20 -29.95
CA ASP E 162 4.13 9.34 -29.81
C ASP E 162 5.45 8.84 -29.23
N LEU E 163 6.51 8.92 -30.05
CA LEU E 163 7.86 8.52 -29.65
C LEU E 163 8.78 9.72 -29.37
N SER E 164 8.22 10.94 -29.38
CA SER E 164 9.03 12.14 -29.23
C SER E 164 9.72 12.24 -27.85
N SER E 165 9.21 11.54 -26.85
CA SER E 165 9.80 11.51 -25.50
C SER E 165 10.53 10.20 -25.19
N TYR E 166 10.78 9.36 -26.18
CA TYR E 166 11.39 8.07 -25.89
C TYR E 166 12.82 8.31 -25.45
N TYR E 167 13.19 7.68 -24.33
CA TYR E 167 14.53 7.83 -23.76
C TYR E 167 15.62 7.50 -24.80
N ALA E 168 16.44 8.50 -25.14
CA ALA E 168 17.48 8.36 -26.17
C ALA E 168 18.52 7.29 -25.82
N SER E 169 18.77 7.01 -24.55
CA SER E 169 19.78 6.02 -24.18
C SER E 169 19.19 4.76 -23.57
N SER E 170 17.95 4.45 -23.93
CA SER E 170 17.34 3.18 -23.55
C SER E 170 18.16 2.01 -24.04
N LYS E 171 18.12 0.90 -23.34
CA LYS E 171 18.75 -0.33 -23.83
C LYS E 171 18.09 -0.82 -25.12
N TYR E 172 16.85 -0.40 -25.36
CA TYR E 172 16.10 -0.84 -26.52
C TYR E 172 15.70 0.34 -27.39
N GLU E 173 15.87 0.20 -28.71
CA GLU E 173 15.34 1.22 -29.63
C GLU E 173 14.05 0.77 -30.32
N ILE E 174 13.12 1.71 -30.47
CA ILE E 174 11.84 1.41 -31.07
C ILE E 174 11.97 1.50 -32.58
N LEU E 175 11.72 0.38 -33.25
CA LEU E 175 11.69 0.34 -34.69
C LEU E 175 10.33 0.81 -35.21
N SER E 176 9.30 0.63 -34.39
CA SER E 176 7.94 0.89 -34.83
C SER E 176 7.00 0.79 -33.65
N ALA E 177 6.00 1.66 -33.60
CA ALA E 177 5.04 1.68 -32.49
C ALA E 177 3.71 2.27 -32.95
N THR E 178 2.66 1.46 -32.93
CA THR E 178 1.36 1.89 -33.43
C THR E 178 0.28 1.62 -32.39
N GLN E 179 -0.85 2.32 -32.56
CA GLN E 179 -2.01 2.19 -31.68
C GLN E 179 -3.25 2.15 -32.54
N THR E 180 -4.00 1.06 -32.46
CA THR E 180 -5.05 0.82 -33.41
C THR E 180 -6.30 0.35 -32.73
N ARG E 181 -7.41 0.97 -33.10
CA ARG E 181 -8.72 0.54 -32.64
C ARG E 181 -9.09 -0.76 -33.33
N GLN E 182 -9.65 -1.70 -32.58
CA GLN E 182 -10.16 -2.95 -33.11
C GLN E 182 -11.56 -3.21 -32.59
N VAL E 183 -12.44 -3.64 -33.45
CA VAL E 183 -13.79 -3.97 -33.05
C VAL E 183 -14.01 -5.46 -33.29
N GLN E 184 -14.59 -6.11 -32.29
CA GLN E 184 -14.98 -7.47 -32.42
C GLN E 184 -16.49 -7.62 -32.19
N HIS E 185 -17.14 -8.37 -33.07
CA HIS E 185 -18.52 -8.80 -32.85
C HIS E 185 -18.53 -10.26 -32.59
N TYR E 186 -19.42 -10.71 -31.71
CA TYR E 186 -19.59 -12.15 -31.50
C TYR E 186 -20.97 -12.57 -31.96
N SER E 187 -21.10 -13.83 -32.35
CA SER E 187 -22.31 -14.29 -33.02
C SER E 187 -23.50 -14.28 -32.08
N CYS E 188 -23.26 -14.68 -30.83
CA CYS E 188 -24.30 -14.68 -29.80
C CYS E 188 -24.98 -13.33 -29.64
N CYS E 189 -24.20 -12.26 -29.74
CA CYS E 189 -24.51 -11.03 -29.03
C CYS E 189 -24.47 -9.82 -29.95
N PRO E 190 -25.40 -8.87 -29.74
CA PRO E 190 -25.47 -7.71 -30.62
C PRO E 190 -24.42 -6.65 -30.37
N GLU E 191 -23.88 -6.58 -29.15
CA GLU E 191 -22.99 -5.50 -28.78
C GLU E 191 -21.54 -5.74 -29.24
N PRO E 192 -20.90 -4.72 -29.79
CA PRO E 192 -19.49 -4.81 -30.18
C PRO E 192 -18.55 -4.65 -29.00
N TYR E 193 -17.37 -5.26 -29.10
CA TYR E 193 -16.33 -5.12 -28.09
C TYR E 193 -15.13 -4.47 -28.73
N ILE E 194 -14.64 -3.42 -28.07
CA ILE E 194 -13.66 -2.53 -28.65
C ILE E 194 -12.41 -2.47 -27.80
N ASP E 195 -11.26 -2.50 -28.46
CA ASP E 195 -10.02 -2.25 -27.76
C ASP E 195 -9.06 -1.45 -28.63
N VAL E 196 -8.00 -0.93 -28.01
CA VAL E 196 -6.92 -0.31 -28.74
C VAL E 196 -5.68 -1.20 -28.58
N ASN E 197 -5.11 -1.61 -29.69
CA ASN E 197 -3.95 -2.48 -29.69
C ASN E 197 -2.68 -1.62 -29.82
N LEU E 198 -1.87 -1.60 -28.78
CA LEU E 198 -0.58 -0.97 -28.84
C LEU E 198 0.38 -2.05 -29.30
N VAL E 199 1.00 -1.87 -30.46
CA VAL E 199 1.96 -2.82 -31.02
C VAL E 199 3.33 -2.13 -31.13
N VAL E 200 4.37 -2.77 -30.58
CA VAL E 200 5.69 -2.18 -30.57
C VAL E 200 6.74 -3.16 -31.07
N LYS E 201 7.48 -2.74 -32.09
CA LYS E 201 8.58 -3.52 -32.62
C LYS E 201 9.85 -2.84 -32.15
N PHE E 202 10.68 -3.59 -31.43
CA PHE E 202 11.89 -3.02 -30.85
C PHE E 202 13.05 -3.97 -30.90
N ARG E 203 14.24 -3.47 -30.57
CA ARG E 203 15.45 -4.29 -30.51
C ARG E 203 16.49 -3.67 -29.60
N GLU E 204 17.53 -4.43 -29.27
CA GLU E 204 18.65 -3.90 -28.50
C GLU E 204 19.40 -2.84 -29.30
N ARG E 205 19.69 -1.71 -28.66
CA ARG E 205 20.50 -0.66 -29.26
C ARG E 205 21.98 -0.96 -29.12
N2 083 F . -9.36 -29.89 6.59
C7 083 F . -10.38 -29.00 6.56
C6 083 F . -10.52 -28.06 5.42
N1 083 F . -9.63 -28.07 4.39
C4 083 F . -9.78 -27.20 3.37
C5 083 F . -8.80 -27.19 2.23
C3 083 F . -10.86 -26.30 3.40
N6 083 F . -11.58 -27.21 5.45
C2 083 F . -11.77 -26.32 4.46
C1 083 F . -12.93 -25.38 4.53
N3 083 F . -11.26 -28.92 7.46
C8 083 F . -11.29 -29.72 8.57
C21 083 F . -12.29 -29.55 9.52
C20 083 F . -13.28 -28.58 9.33
C19 083 F . -14.29 -28.45 10.30
C18 083 F . -14.29 -29.27 11.42
C17 083 F . -13.31 -30.23 11.60
C16 083 F . -12.31 -30.37 10.64
C15 083 F . -11.31 -31.33 10.80
C9 083 F . -10.30 -31.46 9.83
N4 083 F . -10.32 -30.65 8.75
C10 083 F . -9.29 -32.41 9.95
N5 083 F . -9.24 -33.24 11.03
C14 083 F . -8.26 -34.17 11.18
C13 083 F . -7.28 -34.30 10.22
C12 083 F . -7.30 -33.47 9.10
C11 083 F . -8.30 -32.52 8.96
N2 083 G . -8.57 -26.75 8.24
C7 083 G . -9.48 -25.82 7.86
C6 083 G . -9.26 -25.06 6.60
N1 083 G . -8.18 -25.29 5.83
C4 083 G . -7.99 -24.60 4.67
C5 083 G . -6.78 -24.88 3.82
C3 083 G . -8.95 -23.66 4.30
N6 083 G . -10.19 -24.14 6.24
C2 083 G . -10.05 -23.44 5.12
C1 083 G . -11.13 -22.44 4.77
N3 083 G . -10.53 -25.54 8.53
C8 083 G . -10.93 -26.11 9.73
C21 083 G . -12.13 -25.67 10.32
C20 083 G . -12.91 -24.68 9.71
C19 083 G . -14.11 -24.26 10.31
C18 083 G . -14.52 -24.82 11.51
C17 083 G . -13.73 -25.82 12.12
C16 083 G . -12.54 -26.22 11.53
C15 083 G . -11.76 -27.20 12.13
C9 083 G . -10.57 -27.62 11.51
N4 083 G . -10.18 -27.08 10.33
C10 083 G . -9.82 -28.59 12.12
N5 083 G . -10.25 -29.13 13.28
C14 083 G . -9.53 -30.10 13.90
C13 083 G . -8.35 -30.55 13.36
C12 083 G . -7.90 -30.03 12.16
C11 083 G . -8.64 -29.04 11.53
N2 083 H . -12.63 -23.54 14.01
C7 083 H . -12.87 -22.78 12.93
C6 083 H . -14.13 -22.01 12.71
N1 083 H . -14.20 -21.29 11.55
C4 083 H . -15.29 -20.56 11.25
C5 083 H . -15.32 -19.79 9.94
C3 083 H . -16.35 -20.54 12.15
N6 083 H . -15.15 -22.01 13.59
C2 083 H . -16.26 -21.28 13.34
C1 083 H . -17.39 -21.26 14.33
N3 083 H . -12.05 -22.66 11.98
C8 083 H . -10.79 -23.22 11.85
C21 083 H . -10.06 -22.95 10.71
C20 083 H . -10.54 -22.10 9.69
C19 083 H . -9.77 -21.84 8.56
C18 083 H . -8.51 -22.44 8.44
C17 083 H . -8.02 -23.27 9.45
C16 083 H . -8.80 -23.53 10.58
C15 083 H . -8.32 -24.36 11.61
C9 083 H . -9.11 -24.61 12.74
N4 083 H . -10.33 -24.03 12.83
C10 083 H . -8.68 -25.44 13.76
N5 083 H . -7.47 -26.02 13.67
C14 083 H . -7.00 -26.83 14.67
C13 083 H . -7.79 -27.09 15.80
C12 083 H . -9.05 -26.50 15.90
C11 083 H . -9.49 -25.66 14.88
N2 083 I . 11.52 -6.15 26.52
C7 083 I . 10.17 -6.13 26.61
C6 083 I . 9.36 -6.69 25.51
N1 083 I . 10.01 -7.21 24.45
C4 083 I . 9.32 -7.74 23.41
C5 083 I . 10.10 -8.32 22.25
C3 083 I . 7.91 -7.73 23.45
N6 083 I . 8.01 -6.68 25.59
C2 083 I . 7.27 -7.19 24.57
C1 083 I . 5.76 -7.14 24.68
N3 083 I . 9.58 -5.63 27.61
C8 083 I . 10.31 -5.09 28.68
C21 083 I . 9.61 -4.56 29.74
C20 083 I . 8.22 -4.57 29.74
C19 083 I . 7.55 -4.04 30.83
C18 083 I . 8.24 -3.49 31.90
C17 083 I . 9.63 -3.48 31.89
C16 083 I . 10.31 -4.02 30.81
C15 083 I . 11.70 -4.01 30.80
C9 083 I . 12.39 -4.54 29.71
N4 083 I . 11.67 -5.07 28.70
C10 083 I . 13.78 -4.54 29.68
N5 083 I . 14.48 -4.01 30.73
C14 083 I . 15.83 -3.98 30.77
C13 083 I . 16.56 -4.51 29.71
C12 083 I . 15.88 -5.06 28.62
C11 083 I . 14.48 -5.07 28.61
N2 083 J . 10.92 -1.95 27.14
C7 083 J . 9.58 -1.89 27.35
C6 083 J . 8.64 -2.49 26.37
N1 083 J . 9.08 -3.10 25.23
C4 083 J . 8.17 -3.63 24.37
C5 083 J . 8.59 -4.32 23.11
C3 083 J . 6.80 -3.54 24.66
N6 083 J . 7.32 -2.40 26.65
C2 083 J . 6.39 -2.91 25.82
C1 083 J . 4.92 -2.77 26.18
N3 083 J . 9.08 -1.34 28.38
C8 083 J . 9.88 -0.75 29.36
C21 083 J . 9.30 -0.15 30.48
C20 083 J . 7.92 -0.11 30.67
C19 083 J . 7.39 0.51 31.81
C18 083 J . 8.23 1.09 32.76
C17 083 J . 9.61 1.05 32.58
C16 083 J . 10.15 0.44 31.44
C15 083 J . 11.54 0.39 31.24
C9 083 J . 12.08 -0.23 30.10
N4 083 J . 11.22 -0.78 29.19
C10 083 J . 13.47 -0.29 29.87
N5 083 J . 14.34 0.25 30.76
C14 083 J . 15.69 0.22 30.59
C13 083 J . 16.22 -0.39 29.45
C12 083 J . 15.36 -0.96 28.51
C11 083 J . 13.99 -0.91 28.72
N2 083 K . 23.91 20.28 7.70
C7 083 K . 22.84 20.56 8.47
C6 083 K . 22.07 19.50 9.19
N1 083 K . 22.43 18.19 9.10
C4 083 K . 21.71 17.26 9.78
C5 083 K . 22.11 15.80 9.68
C3 083 K . 20.61 17.66 10.55
N6 083 K . 21.01 19.91 9.94
C2 083 K . 20.27 19.01 10.62
C1 083 K . 19.10 19.48 11.44
N3 083 K . 22.39 21.72 8.64
C8 083 K . 22.86 22.91 8.13
C21 083 K . 22.16 24.06 8.50
C20 083 K . 21.04 23.96 9.35
C19 083 K . 20.35 25.11 9.71
C18 083 K . 20.76 26.35 9.22
C17 083 K . 21.86 26.45 8.38
C16 083 K . 22.57 25.29 8.01
C15 083 K . 23.68 25.36 7.16
C9 083 K . 24.38 24.19 6.81
N4 083 K . 23.94 22.99 7.30
C10 083 K . 25.49 24.26 5.96
N5 083 K . 25.91 25.46 5.47
C14 083 K . 26.99 25.59 4.66
C13 083 K . 27.70 24.45 4.28
C12 083 K . 27.31 23.20 4.75
C11 083 K . 26.20 23.10 5.59
N2 083 L . 20.35 20.12 6.10
C7 083 L . 19.34 20.03 6.99
C6 083 L . 18.90 18.70 7.48
N1 083 L . 19.53 17.59 7.03
C4 083 L . 19.14 16.38 7.49
C5 083 L . 19.85 15.16 6.99
C3 083 L . 18.07 16.30 8.39
N6 083 L . 17.87 18.65 8.35
C2 083 L . 17.44 17.47 8.83
C1 083 L . 16.29 17.45 9.81
N3 083 L . 18.71 21.04 7.43
C8 083 L . 19.00 22.34 7.08
C21 083 L . 18.23 23.37 7.64
C20 083 L . 17.20 23.11 8.54
C19 083 L . 16.45 24.16 9.09
C18 083 L . 16.74 25.47 8.72
C17 083 L . 17.77 25.74 7.81
C16 083 L . 18.51 24.69 7.27
C15 083 L . 19.55 24.94 6.37
C9 083 L . 20.29 23.88 5.82
N4 083 L . 19.98 22.61 6.20
C10 083 L . 21.33 24.11 4.92
N5 083 L . 21.63 25.38 4.54
C14 083 L . 22.64 25.66 3.67
C13 083 L . 23.38 24.63 3.11
C12 083 L . 23.10 23.32 3.48
C11 083 L . 22.07 23.05 4.38
N2 083 M . 15.03 26.23 5.54
C7 083 M . 14.45 25.31 6.34
C6 083 M . 13.40 25.64 7.36
N1 083 M . 12.94 26.91 7.58
C4 083 M . 11.99 27.13 8.52
C5 083 M . 11.48 28.52 8.76
C3 083 M . 11.51 26.03 9.26
N6 083 M . 12.94 24.58 8.07
C2 083 M . 12.01 24.75 9.01
C1 083 M . 11.54 23.52 9.75
N3 083 M . 14.73 24.08 6.30
C8 083 M . 15.64 23.43 5.49
C21 083 M . 15.78 22.05 5.63
C20 083 M . 15.03 21.33 6.59
C19 083 M . 15.18 19.95 6.71
C18 083 M . 16.10 19.28 5.89
C17 083 M . 16.85 20.00 4.95
C16 083 M . 16.69 21.38 4.82
C15 083 M . 17.44 22.13 3.88
C9 083 M . 17.26 23.52 3.77
N4 083 M . 16.37 24.12 4.58
C10 083 M . 17.98 24.30 2.86
N5 083 M . 18.90 23.73 2.02
C14 083 M . 19.61 24.46 1.13
C13 083 M . 19.42 25.84 1.03
C12 083 M . 18.50 26.45 1.87
C11 083 M . 17.78 25.68 2.79
N2 083 N . 7.35 18.22 -25.36
C7 083 N . 6.69 18.89 -24.38
C6 083 N . 7.20 18.81 -22.98
N1 083 N . 8.29 18.07 -22.72
C4 083 N . 8.78 17.98 -21.46
C5 083 N . 10.01 17.14 -21.16
C3 083 N . 8.12 18.67 -20.45
N6 083 N . 6.53 19.49 -22.01
C2 083 N . 6.98 19.44 -20.73
C1 083 N . 6.25 20.19 -19.65
N3 083 N . 5.66 19.59 -24.63
C8 083 N . 5.16 19.68 -25.93
C21 083 N . 4.03 20.45 -26.20
C20 083 N . 3.36 21.15 -25.18
C19 083 N . 2.23 21.91 -25.48
C18 083 N . 1.77 21.98 -26.79
C17 083 N . 2.44 21.28 -27.80
C16 083 N . 3.57 20.52 -27.51
C15 083 N . 4.26 19.81 -28.53
C9 083 N . 5.40 19.05 -28.23
N4 083 N . 5.81 19.01 -26.93
C10 083 N . 6.12 18.32 -29.18
N5 083 N . 5.76 18.31 -30.49
C14 083 N . 6.46 17.61 -31.43
C13 083 N . 7.58 16.87 -31.06
C12 083 N . 7.98 16.86 -29.74
C11 083 N . 7.26 17.58 -28.79
N2 083 O . 4.72 16.09 -23.96
C7 083 O . 4.18 16.75 -22.92
C6 083 O . 4.75 16.57 -21.54
N1 083 O . 4.20 17.22 -20.49
C4 083 O . 4.69 17.07 -19.25
C5 083 O . 4.06 17.82 -18.10
C3 083 O . 5.77 16.21 -19.05
N6 083 O . 5.80 15.74 -21.37
C2 083 O . 6.32 15.54 -20.13
C1 083 O . 7.49 14.59 -19.96
N3 083 O . 3.20 17.54 -23.03
C8 083 O . 2.52 17.84 -24.22
C21 083 O . 1.46 18.74 -24.16
C20 083 O . 1.07 19.31 -22.93
C19 083 O . 0.00 20.22 -22.87
C18 083 O . -0.68 20.54 -24.05
C17 083 O . -0.31 19.96 -25.27
C16 083 O . 0.76 19.05 -25.33
C15 083 O . 1.16 18.48 -26.54
C9 083 O . 2.24 17.59 -26.56
N4 083 O . 2.89 17.29 -25.40
C10 083 O . 2.68 16.99 -27.73
N5 083 O . 2.08 17.27 -28.92
C14 083 O . 2.49 16.69 -30.08
C13 083 O . 3.56 15.79 -30.08
C12 083 O . 4.22 15.50 -28.89
C11 083 O . 3.78 16.10 -27.71
N2 083 P . -2.87 18.25 -24.58
C7 083 P . -2.45 18.25 -23.29
C6 083 P . -3.04 19.15 -22.24
N1 083 P . -2.50 19.04 -20.99
C4 083 P . -2.96 19.79 -19.98
C5 083 P . -2.34 19.65 -18.62
C3 083 P . -4.00 20.70 -20.21
N6 083 P . -4.05 20.01 -22.49
C2 083 P . -4.55 20.80 -21.48
C1 083 P . -5.68 21.77 -21.75
N3 083 P . -1.51 17.52 -22.84
C8 083 P . -0.69 16.58 -23.44
C21 083 P . 0.25 15.96 -22.61
C20 083 P . 0.37 16.30 -21.25
C19 083 P . 1.32 15.67 -20.43
C18 083 P . 2.16 14.70 -20.99
C17 083 P . 2.06 14.37 -22.35
C16 083 P . 1.11 14.99 -23.17
C15 083 P . 0.99 14.66 -24.53
C9 083 P . 0.01 15.30 -25.33
N4 083 P . -0.80 16.25 -24.77
C10 083 P . -0.11 15.00 -26.69
N5 083 P . 0.72 14.06 -27.26
C14 083 P . 0.61 13.74 -28.58
C13 083 P . -0.34 14.37 -29.39
C12 083 P . -1.19 15.33 -28.84
C11 083 P . -1.07 15.65 -27.49
C1 GOL Q . -7.52 21.04 -7.31
O1 GOL Q . -7.30 21.61 -6.00
C2 GOL Q . -6.23 20.44 -7.90
O2 GOL Q . -5.99 19.10 -7.45
C3 GOL Q . -5.03 21.26 -7.49
O3 GOL Q . -3.87 20.85 -8.22
N2 083 R . -13.25 -13.28 -26.18
C7 083 R . -13.82 -12.10 -25.82
C6 083 R . -12.98 -10.90 -25.51
N1 083 R . -13.60 -9.75 -25.15
C4 083 R . -12.86 -8.68 -24.87
C5 083 R . -13.53 -7.39 -24.47
C3 083 R . -11.47 -8.75 -24.96
N6 083 R . -11.63 -11.01 -25.61
C2 083 R . -10.85 -9.95 -25.33
C1 083 R . -9.34 -10.08 -25.44
N3 083 R . -15.07 -11.97 -25.72
C8 083 R . -15.92 -13.03 -25.99
C21 083 R . -17.27 -12.82 -25.87
C20 083 R . -17.78 -11.59 -25.49
C19 083 R . -19.15 -11.41 -25.38
C18 083 R . -20.01 -12.47 -25.64
C17 083 R . -19.50 -13.71 -26.02
C16 083 R . -18.12 -13.89 -26.14
C15 083 R . -17.58 -15.13 -26.53
C9 083 R . -16.19 -15.30 -26.63
N4 083 R . -15.41 -14.23 -26.36
C10 083 R . -15.61 -16.52 -27.02
N5 083 R . -16.39 -17.61 -27.29
C14 083 R . -15.86 -18.80 -27.66
C13 083 R . -14.48 -18.96 -27.77
C12 083 R . -13.65 -17.87 -27.50
C11 083 R . -14.21 -16.65 -27.12
N2 083 S . -12.96 -12.97 -22.58
C7 083 S . -13.43 -11.75 -22.25
C6 083 S . -12.47 -10.64 -21.96
N1 083 S . -12.95 -9.42 -21.64
C4 083 S . -12.12 -8.38 -21.38
C5 083 S . -12.69 -7.04 -21.02
C3 083 S . -10.76 -8.59 -21.44
N6 083 S . -11.14 -10.86 -22.04
C2 083 S . -10.28 -9.86 -21.78
C1 083 S . -8.80 -10.13 -21.86
N3 083 S . -14.65 -11.45 -22.17
C8 083 S . -15.74 -12.30 -22.37
C21 083 S . -17.02 -11.78 -22.23
C20 083 S . -17.22 -10.44 -21.88
C19 083 S . -18.50 -9.94 -21.74
C18 083 S . -19.60 -10.77 -21.96
C17 083 S . -19.41 -12.12 -22.29
C16 083 S . -18.12 -12.63 -22.44
C15 083 S . -17.90 -13.97 -22.80
C9 083 S . -16.59 -14.45 -22.94
N4 083 S . -15.56 -13.60 -22.71
C10 083 S . -16.31 -15.76 -23.28
N5 083 S . -17.33 -16.64 -23.50
C14 083 S . -17.08 -17.94 -23.84
C13 083 S . -15.77 -18.40 -23.97
C12 083 S . -14.72 -17.52 -23.76
C11 083 S . -14.99 -16.20 -23.40
N2 083 T . -20.20 -12.71 -19.30
C7 083 T . -19.40 -11.65 -19.04
C6 083 T . -19.97 -10.29 -18.77
N1 083 T . -19.12 -9.27 -18.51
C4 083 T . -19.61 -8.03 -18.26
C5 083 T . -18.67 -6.90 -17.97
C3 083 T . -20.99 -7.82 -18.26
N6 083 T . -21.32 -10.10 -18.77
C2 083 T . -21.84 -8.88 -18.52
C1 083 T . -23.34 -8.68 -18.53
N3 083 T . -18.14 -11.75 -19.02
C8 083 T . -17.42 -12.91 -19.25
C21 083 T . -16.03 -12.81 -19.18
C20 083 T . -15.40 -11.59 -18.89
C19 083 T . -14.02 -11.51 -18.83
C18 083 T . -13.26 -12.66 -19.05
C17 083 T . -13.87 -13.89 -19.35
C16 083 T . -15.27 -13.97 -19.41
C15 083 T . -15.92 -15.18 -19.70
C9 083 T . -17.31 -15.24 -19.76
N4 083 T . -18.02 -14.10 -19.53
C10 083 T . -18.00 -16.43 -20.05
N5 083 T . -17.33 -17.58 -20.29
C14 083 T . -17.96 -18.75 -20.56
C13 083 T . -19.36 -18.80 -20.62
C12 083 T . -20.09 -17.63 -20.39
C11 083 T . -19.41 -16.44 -20.11
#